data_2DKJ
#
_entry.id   2DKJ
#
_cell.length_a   57.988
_cell.length_b   82.884
_cell.length_c   94.074
_cell.angle_alpha   90.00
_cell.angle_beta   91.67
_cell.angle_gamma   90.00
#
_symmetry.space_group_name_H-M   'P 1 21 1'
#
loop_
_entity.id
_entity.type
_entity.pdbx_description
1 polymer 'serine hydroxymethyltransferase'
2 non-polymer 'SULFATE ION'
3 non-polymer "PYRIDOXAL-5'-PHOSPHATE"
4 water water
#
_entity_poly.entity_id   1
_entity_poly.type   'polypeptide(L)'
_entity_poly.pdbx_seq_one_letter_code
;MVSTLKRDEALFELIALEEKRQREGLELIASENFVSKQVREAVGSVLTNKYAEGYPGARYYGGCEVIDRVESLAIERAKA
LFGAAWANVQPHSGSQANMAVYMALMEPGDTLMGMDLAAGGHLTHGSRVNFSGKLYKVVSYGVRPDTELIDLEEVRRLAL
EHRPKVIVAGASAYPRFWDFKAFREIADEVGAYLVVDMAHFAGLVAAGLHPNPLPYAHVVTSTTHKTLRGPRGGLILSND
PELGKRIDKLIFPGIQGGPLEHVIAGKAVAFFEALQPEFKEYSRLVVENAKRLAEELARRGYRIVTGGTDNHLFLVDLRP
KGLTGKEAEERLDAVGITVNKNAIPFDPKPPRVTSGIRIGTPAITTRGFTPEEMPLVAELIDRALLEGPSEALREEVRRL
ALAHPMP
;
_entity_poly.pdbx_strand_id   A,B
#
loop_
_chem_comp.id
_chem_comp.type
_chem_comp.name
_chem_comp.formula
PLP non-polymer PYRIDOXAL-5'-PHOSPHATE 'C8 H10 N O6 P'
SO4 non-polymer 'SULFATE ION' 'O4 S -2'
#
# COMPACT_ATOMS: atom_id res chain seq x y z
N LYS A 6 1.31 -24.07 14.32
CA LYS A 6 1.28 -23.37 15.64
C LYS A 6 0.80 -21.93 15.49
N ARG A 7 -0.08 -21.50 16.38
CA ARG A 7 -0.60 -20.14 16.35
C ARG A 7 0.43 -19.17 16.93
N ASP A 8 0.55 -18.00 16.31
CA ASP A 8 1.49 -16.98 16.77
C ASP A 8 0.86 -16.28 17.97
N GLU A 9 0.90 -16.94 19.13
CA GLU A 9 0.28 -16.40 20.33
C GLU A 9 0.82 -15.06 20.82
N ALA A 10 2.10 -14.80 20.62
CA ALA A 10 2.66 -13.52 21.08
C ALA A 10 2.02 -12.37 20.29
N LEU A 11 1.87 -12.56 18.99
CA LEU A 11 1.28 -11.53 18.15
C LEU A 11 -0.22 -11.36 18.44
N PHE A 12 -0.93 -12.46 18.56
CA PHE A 12 -2.36 -12.34 18.81
C PHE A 12 -2.70 -11.79 20.18
N GLU A 13 -1.79 -11.94 21.15
CA GLU A 13 -2.03 -11.38 22.47
C GLU A 13 -2.02 -9.85 22.31
N LEU A 14 -1.14 -9.34 21.43
CA LEU A 14 -1.07 -7.90 21.19
C LEU A 14 -2.33 -7.42 20.47
N ILE A 15 -2.83 -8.19 19.52
CA ILE A 15 -4.04 -7.76 18.82
C ILE A 15 -5.20 -7.67 19.82
N ALA A 16 -5.28 -8.61 20.76
CA ALA A 16 -6.34 -8.57 21.77
C ALA A 16 -6.20 -7.31 22.62
N LEU A 17 -4.96 -6.94 22.93
CA LEU A 17 -4.72 -5.73 23.72
C LEU A 17 -5.15 -4.48 22.95
N GLU A 18 -4.91 -4.47 21.64
CA GLU A 18 -5.29 -3.32 20.82
C GLU A 18 -6.81 -3.23 20.71
N GLU A 19 -7.49 -4.36 20.63
CA GLU A 19 -8.95 -4.36 20.56
C GLU A 19 -9.49 -3.75 21.84
N LYS A 20 -8.90 -4.14 22.97
CA LYS A 20 -9.32 -3.63 24.27
C LYS A 20 -9.06 -2.13 24.36
N ARG A 21 -7.90 -1.70 23.88
CA ARG A 21 -7.56 -0.29 23.91
C ARG A 21 -8.58 0.52 23.11
N GLN A 22 -8.93 0.04 21.92
CA GLN A 22 -9.89 0.73 21.09
C GLN A 22 -11.28 0.81 21.74
N ARG A 23 -11.63 -0.22 22.48
CA ARG A 23 -12.93 -0.26 23.16
C ARG A 23 -13.03 0.67 24.37
N GLU A 24 -11.91 0.89 25.05
CA GLU A 24 -11.91 1.64 26.29
C GLU A 24 -11.48 3.10 26.32
N GLY A 25 -11.40 3.72 25.15
CA GLY A 25 -11.01 5.12 25.11
C GLY A 25 -11.87 5.87 24.11
N LEU A 26 -11.72 7.19 24.09
CA LEU A 26 -12.47 8.03 23.16
C LEU A 26 -11.49 8.52 22.10
N GLU A 27 -11.68 8.04 20.89
CA GLU A 27 -10.83 8.41 19.77
C GLU A 27 -11.36 9.67 19.11
N LEU A 28 -10.66 10.79 19.31
CA LEU A 28 -11.08 12.07 18.74
C LEU A 28 -10.15 12.58 17.65
N ILE A 29 -9.24 11.74 17.17
CA ILE A 29 -8.36 12.15 16.08
C ILE A 29 -9.25 12.17 14.85
N ALA A 30 -9.29 13.33 14.20
CA ALA A 30 -10.18 13.57 13.05
C ALA A 30 -10.08 12.65 11.85
N SER A 31 -8.91 12.05 11.65
CA SER A 31 -8.69 11.18 10.51
C SER A 31 -9.00 9.71 10.80
N GLU A 32 -9.44 9.41 12.02
CA GLU A 32 -9.74 8.04 12.40
C GLU A 32 -11.20 7.66 12.27
N ASN A 33 -11.43 6.35 12.24
CA ASN A 33 -12.78 5.81 12.19
C ASN A 33 -12.69 4.34 12.57
N PHE A 34 -13.82 3.66 12.57
CA PHE A 34 -13.86 2.23 12.89
C PHE A 34 -14.58 1.53 11.75
N VAL A 35 -13.88 0.64 11.06
CA VAL A 35 -14.49 -0.08 9.95
C VAL A 35 -15.40 -1.19 10.45
N SER A 36 -16.34 -1.57 9.58
CA SER A 36 -17.30 -2.61 9.90
C SER A 36 -16.67 -3.99 9.85
N LYS A 37 -17.36 -4.96 10.44
CA LYS A 37 -16.87 -6.32 10.43
C LYS A 37 -16.76 -6.83 8.99
N GLN A 38 -17.71 -6.46 8.12
CA GLN A 38 -17.61 -6.96 6.76
C GLN A 38 -16.47 -6.33 5.96
N VAL A 39 -16.11 -5.09 6.27
CA VAL A 39 -14.97 -4.48 5.58
C VAL A 39 -13.73 -5.30 5.99
N ARG A 40 -13.65 -5.65 7.27
CA ARG A 40 -12.51 -6.44 7.74
C ARG A 40 -12.51 -7.84 7.12
N GLU A 41 -13.70 -8.44 6.97
CA GLU A 41 -13.82 -9.77 6.39
C GLU A 41 -13.25 -9.77 4.97
N ALA A 42 -13.58 -8.73 4.20
CA ALA A 42 -13.08 -8.63 2.82
C ALA A 42 -11.57 -8.45 2.81
N VAL A 43 -11.06 -7.57 3.67
CA VAL A 43 -9.63 -7.31 3.72
C VAL A 43 -8.85 -8.55 4.16
N GLY A 44 -9.47 -9.37 5.01
CA GLY A 44 -8.81 -10.59 5.46
C GLY A 44 -9.09 -11.80 4.58
N SER A 45 -9.55 -11.56 3.36
CA SER A 45 -9.89 -12.65 2.44
C SER A 45 -8.71 -13.23 1.65
N VAL A 46 -8.99 -14.33 0.96
CA VAL A 46 -7.96 -14.98 0.15
C VAL A 46 -7.61 -14.20 -1.11
N LEU A 47 -8.26 -13.07 -1.34
CA LEU A 47 -7.96 -12.29 -2.53
C LEU A 47 -6.52 -11.77 -2.52
N THR A 48 -5.90 -11.75 -1.34
CA THR A 48 -4.52 -11.31 -1.22
C THR A 48 -3.58 -12.24 -1.99
N ASN A 49 -4.02 -13.47 -2.24
CA ASN A 49 -3.18 -14.44 -2.95
C ASN A 49 -3.00 -14.19 -4.44
N LYS A 50 -3.87 -13.35 -5.02
CA LYS A 50 -3.80 -13.12 -6.45
C LYS A 50 -2.95 -11.95 -6.94
N TYR A 51 -2.05 -12.25 -7.87
CA TYR A 51 -1.25 -11.20 -8.50
C TYR A 51 -2.12 -10.77 -9.67
N ALA A 52 -2.45 -9.47 -9.71
CA ALA A 52 -3.33 -8.96 -10.75
C ALA A 52 -2.86 -7.64 -11.34
N GLU A 53 -1.59 -7.55 -11.70
CA GLU A 53 -1.07 -6.34 -12.31
C GLU A 53 -1.85 -6.07 -13.58
N GLY A 54 -2.11 -4.79 -13.84
CA GLY A 54 -2.87 -4.39 -15.00
C GLY A 54 -4.24 -3.95 -14.52
N TYR A 55 -5.23 -4.07 -15.40
CA TYR A 55 -6.59 -3.67 -15.07
C TYR A 55 -7.57 -4.73 -15.53
N PRO A 56 -8.84 -4.63 -15.09
CA PRO A 56 -9.82 -5.64 -15.51
C PRO A 56 -9.81 -5.89 -17.02
N GLY A 57 -9.70 -7.16 -17.40
CA GLY A 57 -9.70 -7.51 -18.82
C GLY A 57 -8.37 -7.27 -19.52
N ALA A 58 -7.40 -6.72 -18.78
CA ALA A 58 -6.09 -6.43 -19.34
C ALA A 58 -5.02 -6.67 -18.28
N ARG A 59 -4.94 -7.91 -17.82
CA ARG A 59 -3.99 -8.30 -16.77
C ARG A 59 -2.73 -8.93 -17.33
N TYR A 60 -1.71 -9.00 -16.48
CA TYR A 60 -0.42 -9.60 -16.85
C TYR A 60 -0.28 -11.01 -16.28
N TYR A 61 -1.38 -11.57 -15.79
CA TYR A 61 -1.38 -12.92 -15.23
C TYR A 61 -2.69 -13.61 -15.56
N GLY A 62 -2.65 -14.94 -15.60
CA GLY A 62 -3.88 -15.67 -15.85
C GLY A 62 -4.63 -15.80 -14.55
N GLY A 63 -5.84 -16.32 -14.61
CA GLY A 63 -6.65 -16.54 -13.41
C GLY A 63 -7.32 -15.37 -12.73
N CYS A 64 -7.37 -14.21 -13.39
CA CYS A 64 -7.98 -13.02 -12.79
C CYS A 64 -9.46 -12.81 -13.09
N GLU A 65 -10.14 -13.83 -13.61
CA GLU A 65 -11.55 -13.71 -13.95
C GLU A 65 -12.43 -13.20 -12.80
N VAL A 66 -12.25 -13.73 -11.60
CA VAL A 66 -13.06 -13.28 -10.47
C VAL A 66 -12.54 -11.96 -9.91
N ILE A 67 -11.23 -11.81 -9.82
CA ILE A 67 -10.64 -10.56 -9.33
C ILE A 67 -11.13 -9.40 -10.20
N ASP A 68 -11.30 -9.65 -11.50
CA ASP A 68 -11.76 -8.59 -12.40
C ASP A 68 -13.17 -8.16 -12.04
N ARG A 69 -14.02 -9.11 -11.66
CA ARG A 69 -15.39 -8.78 -11.28
C ARG A 69 -15.37 -7.96 -10.00
N VAL A 70 -14.46 -8.29 -9.09
CA VAL A 70 -14.34 -7.56 -7.82
C VAL A 70 -13.85 -6.13 -8.04
N GLU A 71 -12.77 -5.98 -8.79
CA GLU A 71 -12.23 -4.65 -9.03
C GLU A 71 -13.21 -3.79 -9.83
N SER A 72 -13.85 -4.38 -10.83
CA SER A 72 -14.82 -3.64 -11.63
C SER A 72 -15.98 -3.20 -10.75
N LEU A 73 -16.38 -4.05 -9.82
CA LEU A 73 -17.48 -3.71 -8.92
C LEU A 73 -17.08 -2.50 -8.07
N ALA A 74 -15.85 -2.49 -7.57
CA ALA A 74 -15.37 -1.38 -6.77
C ALA A 74 -15.35 -0.10 -7.61
N ILE A 75 -14.87 -0.21 -8.84
CA ILE A 75 -14.79 0.94 -9.74
C ILE A 75 -16.18 1.50 -10.06
N GLU A 76 -17.11 0.62 -10.44
CA GLU A 76 -18.45 1.06 -10.78
C GLU A 76 -19.17 1.67 -9.58
N ARG A 77 -19.00 1.08 -8.40
CA ARG A 77 -19.65 1.62 -7.21
C ARG A 77 -19.05 2.98 -6.84
N ALA A 78 -17.74 3.15 -7.01
CA ALA A 78 -17.10 4.42 -6.71
C ALA A 78 -17.67 5.50 -7.63
N LYS A 79 -17.84 5.16 -8.90
CA LYS A 79 -18.38 6.10 -9.87
C LYS A 79 -19.82 6.48 -9.54
N ALA A 80 -20.62 5.51 -9.10
CA ALA A 80 -22.01 5.78 -8.75
C ALA A 80 -22.10 6.60 -7.46
N LEU A 81 -21.24 6.28 -6.49
CA LEU A 81 -21.24 6.97 -5.20
C LEU A 81 -20.83 8.43 -5.33
N PHE A 82 -19.80 8.70 -6.12
CA PHE A 82 -19.30 10.06 -6.26
C PHE A 82 -19.71 10.80 -7.53
N GLY A 83 -20.49 10.16 -8.39
CA GLY A 83 -20.90 10.80 -9.62
C GLY A 83 -19.69 11.10 -10.48
N ALA A 84 -18.87 10.07 -10.70
CA ALA A 84 -17.65 10.20 -11.51
C ALA A 84 -17.78 9.39 -12.79
N ALA A 85 -16.93 9.70 -13.77
CA ALA A 85 -16.95 8.99 -15.05
C ALA A 85 -15.81 7.98 -15.14
N TRP A 86 -14.83 8.08 -14.24
CA TRP A 86 -13.68 7.19 -14.21
C TRP A 86 -13.18 7.07 -12.79
N ALA A 87 -12.61 5.92 -12.45
CA ALA A 87 -12.07 5.70 -11.11
C ALA A 87 -10.95 4.68 -11.14
N ASN A 88 -9.98 4.87 -10.25
CA ASN A 88 -8.88 3.93 -10.09
C ASN A 88 -8.93 3.57 -8.61
N VAL A 89 -9.14 2.29 -8.32
CA VAL A 89 -9.24 1.81 -6.96
C VAL A 89 -8.01 1.08 -6.46
N GLN A 90 -6.94 1.12 -7.25
CA GLN A 90 -5.69 0.45 -6.89
C GLN A 90 -4.70 1.17 -5.97
N PRO A 91 -4.80 2.51 -5.79
CA PRO A 91 -3.77 3.10 -4.91
C PRO A 91 -3.68 2.48 -3.52
N HIS A 92 -2.46 2.15 -3.10
CA HIS A 92 -2.25 1.53 -1.80
C HIS A 92 -2.57 2.46 -0.63
N SER A 93 -2.58 3.76 -0.89
CA SER A 93 -2.82 4.75 0.15
C SER A 93 -3.16 6.08 -0.48
N GLY A 94 -3.52 7.05 0.35
CA GLY A 94 -3.82 8.37 -0.17
C GLY A 94 -2.55 8.97 -0.75
N SER A 95 -1.41 8.67 -0.16
CA SER A 95 -0.13 9.18 -0.63
C SER A 95 0.18 8.67 -2.03
N GLN A 96 -0.09 7.39 -2.29
CA GLN A 96 0.16 6.84 -3.61
C GLN A 96 -0.82 7.39 -4.64
N ALA A 97 -2.05 7.70 -4.21
CA ALA A 97 -3.02 8.28 -5.12
C ALA A 97 -2.48 9.64 -5.59
N ASN A 98 -2.02 10.45 -4.64
CA ASN A 98 -1.47 11.76 -4.98
C ASN A 98 -0.20 11.65 -5.82
N MET A 99 0.66 10.70 -5.47
CA MET A 99 1.90 10.50 -6.20
C MET A 99 1.64 10.17 -7.68
N ALA A 100 0.72 9.25 -7.93
CA ALA A 100 0.40 8.87 -9.30
C ALA A 100 -0.15 10.05 -10.09
N VAL A 101 -1.03 10.82 -9.46
CA VAL A 101 -1.62 11.97 -10.13
C VAL A 101 -0.56 13.03 -10.44
N TYR A 102 0.30 13.34 -9.48
CA TYR A 102 1.34 14.33 -9.72
C TYR A 102 2.25 13.89 -10.86
N MET A 103 2.63 12.62 -10.88
CA MET A 103 3.51 12.11 -11.92
C MET A 103 2.82 12.02 -13.29
N ALA A 104 1.50 11.98 -13.28
CA ALA A 104 0.75 11.92 -14.53
C ALA A 104 0.56 13.33 -15.11
N LEU A 105 0.56 14.32 -14.22
CA LEU A 105 0.34 15.71 -14.64
C LEU A 105 1.61 16.57 -14.69
N MET A 106 2.66 16.13 -14.00
CA MET A 106 3.91 16.89 -13.96
C MET A 106 5.14 16.04 -14.15
N GLU A 107 6.27 16.71 -14.36
CA GLU A 107 7.56 16.08 -14.49
C GLU A 107 8.38 16.71 -13.38
N PRO A 108 9.40 16.00 -12.87
CA PRO A 108 10.21 16.59 -11.79
C PRO A 108 10.70 17.97 -12.19
N GLY A 109 10.65 18.91 -11.25
CA GLY A 109 11.09 20.26 -11.53
C GLY A 109 9.94 21.21 -11.75
N ASP A 110 8.77 20.67 -12.11
CA ASP A 110 7.60 21.50 -12.33
C ASP A 110 7.15 22.08 -11.00
N THR A 111 6.31 23.10 -11.06
CA THR A 111 5.82 23.77 -9.86
C THR A 111 4.46 23.27 -9.39
N LEU A 112 4.41 22.91 -8.12
CA LEU A 112 3.21 22.43 -7.46
C LEU A 112 2.75 23.46 -6.45
N MET A 113 1.45 23.72 -6.41
CA MET A 113 0.88 24.67 -5.47
C MET A 113 -0.09 23.93 -4.56
N GLY A 114 0.10 24.08 -3.25
CA GLY A 114 -0.75 23.41 -2.29
C GLY A 114 -0.82 24.17 -0.99
N MET A 115 -1.71 23.73 -0.09
CA MET A 115 -1.85 24.41 1.19
C MET A 115 -0.68 24.13 2.12
N ASP A 116 -0.17 25.19 2.74
CA ASP A 116 0.95 25.08 3.66
C ASP A 116 0.59 24.12 4.80
N LEU A 117 1.54 23.26 5.17
CA LEU A 117 1.32 22.29 6.24
C LEU A 117 0.81 22.96 7.52
N ALA A 118 1.43 24.08 7.87
CA ALA A 118 1.06 24.83 9.07
C ALA A 118 -0.37 25.35 9.02
N ALA A 119 -0.88 25.61 7.82
CA ALA A 119 -2.23 26.13 7.65
C ALA A 119 -3.28 25.03 7.57
N GLY A 120 -2.85 23.78 7.53
CA GLY A 120 -3.79 22.68 7.46
C GLY A 120 -3.56 21.74 6.29
N GLY A 121 -2.56 22.04 5.46
CA GLY A 121 -2.28 21.19 4.32
C GLY A 121 -1.66 19.86 4.74
N HIS A 122 -1.67 18.91 3.82
CA HIS A 122 -1.11 17.59 4.10
C HIS A 122 0.35 17.53 3.64
N LEU A 123 1.11 16.59 4.19
CA LEU A 123 2.50 16.43 3.83
C LEU A 123 2.70 16.29 2.32
N THR A 124 1.76 15.61 1.66
CA THR A 124 1.86 15.40 0.22
C THR A 124 1.44 16.59 -0.62
N HIS A 125 1.15 17.72 0.04
CA HIS A 125 0.76 18.92 -0.67
C HIS A 125 1.95 19.88 -0.85
N GLY A 126 3.17 19.36 -0.69
CA GLY A 126 4.34 20.20 -0.88
C GLY A 126 5.43 20.22 0.17
N SER A 127 5.33 19.41 1.21
CA SER A 127 6.36 19.39 2.25
C SER A 127 7.74 19.04 1.69
N ARG A 128 8.75 19.77 2.13
CA ARG A 128 10.13 19.56 1.67
C ARG A 128 10.69 18.19 2.02
N VAL A 129 10.16 17.55 3.06
CA VAL A 129 10.63 16.23 3.47
C VAL A 129 9.81 15.11 2.81
N ASN A 130 8.85 15.51 1.98
CA ASN A 130 7.99 14.58 1.28
C ASN A 130 8.33 14.57 -0.20
N PHE A 131 7.96 13.51 -0.91
CA PHE A 131 8.26 13.43 -2.34
C PHE A 131 7.70 14.63 -3.09
N SER A 132 6.59 15.18 -2.62
CA SER A 132 5.99 16.33 -3.28
C SER A 132 6.94 17.52 -3.33
N GLY A 133 7.60 17.79 -2.21
CA GLY A 133 8.55 18.91 -2.18
C GLY A 133 9.92 18.55 -2.70
N LYS A 134 10.24 17.25 -2.70
CA LYS A 134 11.53 16.79 -3.19
C LYS A 134 11.61 16.73 -4.70
N LEU A 135 10.52 16.35 -5.35
CA LEU A 135 10.47 16.24 -6.80
C LEU A 135 10.02 17.49 -7.53
N TYR A 136 9.21 18.30 -6.87
CA TYR A 136 8.68 19.50 -7.49
C TYR A 136 9.00 20.77 -6.73
N LYS A 137 8.98 21.89 -7.44
CA LYS A 137 9.18 23.18 -6.79
C LYS A 137 7.82 23.42 -6.17
N VAL A 138 7.79 24.07 -5.00
CA VAL A 138 6.54 24.28 -4.32
C VAL A 138 6.22 25.72 -3.96
N VAL A 139 4.96 26.06 -4.11
CA VAL A 139 4.45 27.38 -3.75
C VAL A 139 3.24 27.05 -2.87
N SER A 140 3.21 27.60 -1.66
CA SER A 140 2.13 27.30 -0.76
C SER A 140 1.23 28.47 -0.42
N TYR A 141 -0.02 28.17 -0.10
CA TYR A 141 -0.98 29.18 0.30
C TYR A 141 -1.46 28.74 1.67
N GLY A 142 -1.90 29.69 2.49
CA GLY A 142 -2.36 29.36 3.82
C GLY A 142 -3.69 30.02 4.09
N VAL A 143 -3.84 30.58 5.28
CA VAL A 143 -5.07 31.27 5.66
C VAL A 143 -4.72 32.69 6.08
N ARG A 144 -5.70 33.58 5.97
CA ARG A 144 -5.49 34.97 6.35
C ARG A 144 -5.37 35.10 7.85
N PRO A 145 -4.48 35.98 8.33
CA PRO A 145 -4.34 36.13 9.78
C PRO A 145 -5.61 36.69 10.42
N ASP A 146 -6.35 37.50 9.67
CA ASP A 146 -7.57 38.12 10.17
C ASP A 146 -8.86 37.30 10.03
N THR A 147 -8.86 36.28 9.18
CA THR A 147 -10.06 35.46 8.99
C THR A 147 -9.88 34.01 9.38
N GLU A 148 -8.65 33.53 9.34
CA GLU A 148 -8.34 32.13 9.64
C GLU A 148 -8.91 31.23 8.53
N LEU A 149 -9.21 31.85 7.39
CA LEU A 149 -9.76 31.15 6.23
C LEU A 149 -8.88 31.38 5.01
N ILE A 150 -9.06 30.54 4.00
CA ILE A 150 -8.31 30.68 2.76
C ILE A 150 -8.68 32.03 2.14
N ASP A 151 -7.72 32.63 1.45
CA ASP A 151 -7.92 33.91 0.78
C ASP A 151 -7.78 33.63 -0.72
N LEU A 152 -8.92 33.50 -1.40
CA LEU A 152 -8.92 33.21 -2.83
C LEU A 152 -8.17 34.25 -3.66
N GLU A 153 -8.16 35.50 -3.20
CA GLU A 153 -7.47 36.56 -3.91
C GLU A 153 -5.97 36.29 -3.85
N GLU A 154 -5.50 35.82 -2.71
CA GLU A 154 -4.09 35.50 -2.52
C GLU A 154 -3.71 34.24 -3.30
N VAL A 155 -4.61 33.26 -3.32
CA VAL A 155 -4.35 32.04 -4.07
C VAL A 155 -4.16 32.43 -5.53
N ARG A 156 -5.02 33.30 -6.03
CA ARG A 156 -4.94 33.76 -7.41
C ARG A 156 -3.64 34.50 -7.67
N ARG A 157 -3.27 35.40 -6.76
CA ARG A 157 -2.03 36.17 -6.91
C ARG A 157 -0.83 35.24 -7.00
N LEU A 158 -0.77 34.27 -6.10
CA LEU A 158 0.32 33.31 -6.08
C LEU A 158 0.36 32.48 -7.37
N ALA A 159 -0.81 32.07 -7.84
CA ALA A 159 -0.89 31.28 -9.07
C ALA A 159 -0.37 32.06 -10.27
N LEU A 160 -0.77 33.32 -10.37
CA LEU A 160 -0.33 34.17 -11.47
C LEU A 160 1.17 34.42 -11.46
N GLU A 161 1.72 34.60 -10.26
CA GLU A 161 3.15 34.86 -10.12
C GLU A 161 4.04 33.64 -10.29
N HIS A 162 3.62 32.51 -9.72
CA HIS A 162 4.42 31.30 -9.79
C HIS A 162 4.08 30.32 -10.91
N ARG A 163 2.93 30.51 -11.55
CA ARG A 163 2.51 29.66 -12.66
C ARG A 163 2.68 28.17 -12.40
N PRO A 164 1.97 27.64 -11.40
CA PRO A 164 2.06 26.21 -11.08
C PRO A 164 1.44 25.36 -12.17
N LYS A 165 1.95 24.14 -12.32
CA LYS A 165 1.40 23.20 -13.30
C LYS A 165 0.19 22.51 -12.68
N VAL A 166 0.22 22.37 -11.36
CA VAL A 166 -0.86 21.75 -10.61
C VAL A 166 -1.17 22.55 -9.36
N ILE A 167 -2.45 22.75 -9.09
CA ILE A 167 -2.89 23.44 -7.88
C ILE A 167 -3.73 22.42 -7.13
N VAL A 168 -3.39 22.21 -5.86
CA VAL A 168 -4.13 21.27 -5.03
C VAL A 168 -5.03 21.99 -4.05
N ALA A 169 -6.30 21.58 -4.00
CA ALA A 169 -7.27 22.10 -3.07
C ALA A 169 -7.60 20.91 -2.18
N GLY A 170 -7.88 21.18 -0.91
CA GLY A 170 -8.15 20.10 0.03
C GLY A 170 -7.07 20.17 1.08
N ALA A 171 -7.35 19.60 2.24
CA ALA A 171 -6.38 19.65 3.33
C ALA A 171 -6.71 18.61 4.39
N SER A 172 -5.84 18.51 5.38
CA SER A 172 -6.01 17.57 6.47
C SER A 172 -6.52 18.23 7.75
N ALA A 173 -6.40 19.56 7.83
CA ALA A 173 -6.85 20.26 9.03
C ALA A 173 -7.48 21.62 8.74
N TYR A 174 -8.45 21.64 7.82
CA TYR A 174 -9.16 22.87 7.46
C TYR A 174 -10.63 22.59 7.80
N PRO A 175 -11.18 23.34 8.77
CA PRO A 175 -12.57 23.19 9.23
C PRO A 175 -13.72 23.77 8.42
N ARG A 176 -13.45 24.31 7.24
CA ARG A 176 -14.54 24.90 6.46
C ARG A 176 -14.61 24.38 5.03
N PHE A 177 -15.73 24.67 4.38
CA PHE A 177 -15.95 24.28 2.99
C PHE A 177 -14.93 24.91 2.06
N TRP A 178 -14.77 24.29 0.90
CA TRP A 178 -13.86 24.77 -0.13
C TRP A 178 -14.66 25.32 -1.31
N ASP A 179 -14.14 26.38 -1.92
CA ASP A 179 -14.80 26.96 -3.09
C ASP A 179 -14.10 26.38 -4.30
N PHE A 180 -14.52 25.17 -4.67
CA PHE A 180 -13.93 24.46 -5.80
C PHE A 180 -14.10 25.19 -7.12
N LYS A 181 -15.23 25.87 -7.30
CA LYS A 181 -15.48 26.60 -8.53
C LYS A 181 -14.43 27.70 -8.69
N ALA A 182 -14.15 28.41 -7.59
CA ALA A 182 -13.16 29.48 -7.61
C ALA A 182 -11.77 28.92 -7.89
N PHE A 183 -11.43 27.79 -7.26
CA PHE A 183 -10.13 27.19 -7.50
C PHE A 183 -9.97 26.79 -8.96
N ARG A 184 -11.05 26.29 -9.57
CA ARG A 184 -10.98 25.90 -10.98
C ARG A 184 -10.81 27.12 -11.88
N GLU A 185 -11.46 28.22 -11.51
CA GLU A 185 -11.36 29.45 -12.29
C GLU A 185 -9.90 29.93 -12.26
N ILE A 186 -9.30 29.86 -11.08
CA ILE A 186 -7.91 30.29 -10.92
C ILE A 186 -7.00 29.36 -11.73
N ALA A 187 -7.22 28.06 -11.61
CA ALA A 187 -6.41 27.09 -12.34
C ALA A 187 -6.49 27.35 -13.84
N ASP A 188 -7.70 27.59 -14.35
CA ASP A 188 -7.88 27.86 -15.76
C ASP A 188 -7.19 29.14 -16.21
N GLU A 189 -7.19 30.16 -15.35
CA GLU A 189 -6.57 31.42 -15.68
C GLU A 189 -5.07 31.28 -15.92
N VAL A 190 -4.42 30.36 -15.18
CA VAL A 190 -2.99 30.17 -15.33
C VAL A 190 -2.62 28.88 -16.07
N GLY A 191 -3.63 28.17 -16.57
CA GLY A 191 -3.38 26.95 -17.31
C GLY A 191 -2.86 25.79 -16.47
N ALA A 192 -3.29 25.72 -15.22
CA ALA A 192 -2.86 24.64 -14.34
C ALA A 192 -3.98 23.62 -14.17
N TYR A 193 -3.61 22.42 -13.73
CA TYR A 193 -4.60 21.40 -13.46
C TYR A 193 -5.04 21.63 -12.03
N LEU A 194 -6.31 21.40 -11.76
CA LEU A 194 -6.82 21.51 -10.39
C LEU A 194 -7.00 20.09 -9.88
N VAL A 195 -6.31 19.77 -8.80
CA VAL A 195 -6.44 18.46 -8.18
C VAL A 195 -7.07 18.69 -6.83
N VAL A 196 -8.14 17.98 -6.53
CA VAL A 196 -8.77 18.12 -5.22
C VAL A 196 -8.50 16.84 -4.44
N ASP A 197 -7.85 16.99 -3.29
CA ASP A 197 -7.56 15.86 -2.42
C ASP A 197 -8.66 15.92 -1.36
N MET A 198 -9.69 15.10 -1.53
CA MET A 198 -10.83 15.11 -0.62
C MET A 198 -10.75 14.06 0.48
N ALA A 199 -9.57 13.49 0.70
CA ALA A 199 -9.41 12.44 1.70
C ALA A 199 -10.17 12.64 3.00
N HIS A 200 -9.98 13.78 3.66
CA HIS A 200 -10.66 13.99 4.92
C HIS A 200 -12.17 14.05 4.87
N PHE A 201 -12.71 14.73 3.86
CA PHE A 201 -14.16 14.89 3.77
C PHE A 201 -14.87 14.04 2.71
N ALA A 202 -14.20 13.01 2.21
CA ALA A 202 -14.81 12.16 1.18
C ALA A 202 -16.15 11.58 1.58
N GLY A 203 -16.28 11.15 2.83
CA GLY A 203 -17.54 10.58 3.27
C GLY A 203 -18.64 11.61 3.26
N LEU A 204 -18.30 12.85 3.61
CA LEU A 204 -19.29 13.92 3.62
C LEU A 204 -19.73 14.25 2.19
N VAL A 205 -18.79 14.18 1.25
CA VAL A 205 -19.11 14.43 -0.15
C VAL A 205 -20.06 13.33 -0.62
N ALA A 206 -19.74 12.09 -0.27
CA ALA A 206 -20.57 10.94 -0.66
C ALA A 206 -21.99 11.07 -0.11
N ALA A 207 -22.11 11.68 1.07
CA ALA A 207 -23.41 11.86 1.72
C ALA A 207 -24.14 13.12 1.26
N GLY A 208 -23.49 13.92 0.42
CA GLY A 208 -24.11 15.15 -0.06
C GLY A 208 -24.13 16.24 0.98
N LEU A 209 -23.21 16.16 1.93
CA LEU A 209 -23.12 17.14 3.01
C LEU A 209 -21.91 18.06 2.90
N HIS A 210 -21.22 18.00 1.76
CA HIS A 210 -20.05 18.83 1.50
C HIS A 210 -20.01 19.09 0.00
N PRO A 211 -19.61 20.30 -0.41
CA PRO A 211 -19.56 20.60 -1.84
C PRO A 211 -18.80 19.50 -2.59
N ASN A 212 -19.35 19.11 -3.73
CA ASN A 212 -18.78 18.05 -4.57
C ASN A 212 -17.71 18.61 -5.50
N PRO A 213 -16.46 18.12 -5.37
CA PRO A 213 -15.37 18.63 -6.22
C PRO A 213 -15.29 18.03 -7.63
N LEU A 214 -15.93 16.88 -7.85
CA LEU A 214 -15.86 16.21 -9.14
C LEU A 214 -16.06 17.08 -10.39
N PRO A 215 -17.12 17.90 -10.42
CA PRO A 215 -17.34 18.74 -11.61
C PRO A 215 -16.30 19.83 -11.84
N TYR A 216 -15.64 20.26 -10.79
CA TYR A 216 -14.67 21.35 -10.89
C TYR A 216 -13.20 20.95 -10.99
N ALA A 217 -12.83 19.86 -10.35
CA ALA A 217 -11.45 19.40 -10.40
C ALA A 217 -11.17 18.64 -11.69
N HIS A 218 -9.93 18.64 -12.13
CA HIS A 218 -9.57 17.87 -13.30
C HIS A 218 -9.45 16.42 -12.80
N VAL A 219 -8.97 16.27 -11.55
CA VAL A 219 -8.79 14.98 -10.92
C VAL A 219 -9.05 15.10 -9.43
N VAL A 220 -9.62 14.06 -8.84
CA VAL A 220 -9.89 14.03 -7.40
C VAL A 220 -9.19 12.82 -6.79
N THR A 221 -8.45 13.05 -5.71
CA THR A 221 -7.77 11.96 -5.01
C THR A 221 -8.40 11.83 -3.63
N SER A 222 -8.20 10.66 -3.02
CA SER A 222 -8.78 10.45 -1.70
C SER A 222 -8.25 9.18 -1.08
N THR A 223 -8.52 9.06 0.22
CA THR A 223 -8.21 7.85 0.96
C THR A 223 -9.58 7.18 1.01
N THR A 224 -9.61 5.88 1.27
CA THR A 224 -10.90 5.19 1.38
C THR A 224 -11.28 5.10 2.86
N HIS A 225 -10.32 5.40 3.74
CA HIS A 225 -10.56 5.43 5.16
C HIS A 225 -10.81 6.92 5.47
N LYS A 226 -11.03 7.22 6.76
CA LYS A 226 -11.34 8.56 7.28
C LYS A 226 -12.88 8.72 7.28
N THR A 227 -13.44 9.83 6.82
CA THR A 227 -14.91 9.94 6.87
C THR A 227 -15.63 8.91 6.01
N LEU A 228 -14.98 8.40 4.96
CA LEU A 228 -15.61 7.40 4.11
C LEU A 228 -15.75 6.07 4.85
N ARG A 229 -15.01 5.91 5.94
CA ARG A 229 -15.09 4.73 6.80
C ARG A 229 -14.79 3.39 6.13
N GLY A 230 -13.89 3.42 5.16
CA GLY A 230 -13.52 2.20 4.47
C GLY A 230 -12.17 1.68 4.90
N PRO A 231 -11.65 0.67 4.17
CA PRO A 231 -10.34 0.11 4.51
C PRO A 231 -9.27 1.14 4.22
N ARG A 232 -8.11 0.96 4.84
CA ARG A 232 -6.99 1.88 4.63
C ARG A 232 -6.45 1.69 3.22
N GLY A 233 -6.53 2.75 2.42
CA GLY A 233 -6.09 2.70 1.04
C GLY A 233 -6.40 3.99 0.32
N GLY A 234 -6.13 4.02 -0.99
CA GLY A 234 -6.38 5.21 -1.78
C GLY A 234 -7.39 5.05 -2.90
N LEU A 235 -7.71 6.17 -3.54
CA LEU A 235 -8.71 6.22 -4.61
C LEU A 235 -8.46 7.44 -5.50
N ILE A 236 -8.76 7.31 -6.78
CA ILE A 236 -8.64 8.43 -7.72
C ILE A 236 -9.91 8.47 -8.55
N LEU A 237 -10.44 9.66 -8.80
CA LEU A 237 -11.67 9.84 -9.56
C LEU A 237 -11.54 11.00 -10.53
N SER A 238 -12.39 11.02 -11.56
CA SER A 238 -12.37 12.12 -12.51
C SER A 238 -13.59 12.08 -13.42
N ASN A 239 -13.89 13.21 -14.05
CA ASN A 239 -14.97 13.27 -15.01
C ASN A 239 -14.35 13.24 -16.40
N ASP A 240 -13.04 12.99 -16.46
CA ASP A 240 -12.31 12.93 -17.72
C ASP A 240 -11.65 11.56 -17.90
N PRO A 241 -12.35 10.64 -18.58
CA PRO A 241 -11.82 9.29 -18.82
C PRO A 241 -10.50 9.24 -19.58
N GLU A 242 -10.26 10.22 -20.45
CA GLU A 242 -9.01 10.25 -21.21
C GLU A 242 -7.84 10.51 -20.27
N LEU A 243 -8.02 11.47 -19.37
CA LEU A 243 -6.99 11.77 -18.39
C LEU A 243 -6.86 10.56 -17.47
N GLY A 244 -8.00 9.92 -17.19
CA GLY A 244 -8.00 8.74 -16.35
C GLY A 244 -7.11 7.65 -16.92
N LYS A 245 -7.15 7.48 -18.25
CA LYS A 245 -6.32 6.47 -18.89
C LYS A 245 -4.84 6.73 -18.60
N ARG A 246 -4.44 7.99 -18.62
CA ARG A 246 -3.04 8.32 -18.35
C ARG A 246 -2.71 8.03 -16.89
N ILE A 247 -3.61 8.38 -15.99
CA ILE A 247 -3.37 8.15 -14.57
C ILE A 247 -3.29 6.66 -14.29
N ASP A 248 -4.11 5.86 -14.98
CA ASP A 248 -4.07 4.41 -14.78
C ASP A 248 -2.65 3.91 -15.08
N LYS A 249 -2.02 4.46 -16.11
CA LYS A 249 -0.67 4.05 -16.46
C LYS A 249 0.35 4.45 -15.41
N LEU A 250 0.09 5.55 -14.70
CA LEU A 250 1.02 5.96 -13.65
C LEU A 250 0.88 5.08 -12.41
N ILE A 251 -0.33 4.59 -12.13
CA ILE A 251 -0.50 3.69 -10.98
C ILE A 251 0.22 2.38 -11.33
N PHE A 252 0.00 1.88 -12.54
CA PHE A 252 0.69 0.68 -13.01
C PHE A 252 0.85 0.80 -14.51
N PRO A 253 2.07 0.58 -15.03
CA PRO A 253 3.32 0.23 -14.36
C PRO A 253 4.14 1.36 -13.73
N GLY A 254 3.53 2.54 -13.62
CA GLY A 254 4.26 3.68 -13.07
C GLY A 254 4.84 3.63 -11.66
N ILE A 255 4.00 3.47 -10.65
CA ILE A 255 4.50 3.49 -9.28
C ILE A 255 4.17 2.29 -8.40
N GLN A 256 3.27 1.42 -8.85
CA GLN A 256 2.92 0.23 -8.08
C GLN A 256 3.12 -1.02 -8.91
N GLY A 257 3.00 -2.16 -8.23
CA GLY A 257 3.13 -3.44 -8.88
C GLY A 257 1.79 -4.12 -8.69
N GLY A 258 1.77 -5.24 -7.96
CA GLY A 258 0.51 -5.93 -7.75
C GLY A 258 -0.42 -5.15 -6.83
N PRO A 259 -1.69 -4.98 -7.21
CA PRO A 259 -2.64 -4.25 -6.36
C PRO A 259 -3.08 -5.15 -5.20
N LEU A 260 -3.58 -4.56 -4.13
CA LEU A 260 -4.05 -5.33 -2.98
C LEU A 260 -5.53 -5.62 -3.24
N GLU A 261 -5.82 -6.72 -3.95
CA GLU A 261 -7.21 -7.01 -4.29
C GLU A 261 -8.12 -7.30 -3.10
N HIS A 262 -7.56 -7.79 -2.00
CA HIS A 262 -8.38 -8.00 -0.79
C HIS A 262 -8.81 -6.62 -0.27
N VAL A 263 -7.92 -5.63 -0.34
CA VAL A 263 -8.28 -4.30 0.12
C VAL A 263 -9.29 -3.70 -0.87
N ILE A 264 -9.11 -3.97 -2.16
CA ILE A 264 -10.04 -3.47 -3.16
C ILE A 264 -11.43 -4.06 -2.87
N ALA A 265 -11.49 -5.32 -2.46
CA ALA A 265 -12.77 -5.93 -2.11
C ALA A 265 -13.35 -5.13 -0.94
N GLY A 266 -12.48 -4.77 0.01
CA GLY A 266 -12.92 -3.97 1.15
C GLY A 266 -13.42 -2.61 0.72
N LYS A 267 -12.81 -2.04 -0.32
CA LYS A 267 -13.26 -0.75 -0.83
C LYS A 267 -14.66 -0.92 -1.41
N ALA A 268 -14.87 -2.01 -2.14
CA ALA A 268 -16.19 -2.27 -2.70
C ALA A 268 -17.23 -2.33 -1.59
N VAL A 269 -16.89 -3.02 -0.49
CA VAL A 269 -17.82 -3.12 0.64
C VAL A 269 -18.10 -1.74 1.24
N ALA A 270 -17.04 -0.94 1.40
CA ALA A 270 -17.19 0.40 1.95
C ALA A 270 -18.09 1.25 1.06
N PHE A 271 -17.95 1.11 -0.25
CA PHE A 271 -18.77 1.89 -1.18
C PHE A 271 -20.22 1.42 -1.08
N PHE A 272 -20.40 0.11 -0.92
CA PHE A 272 -21.74 -0.45 -0.75
C PHE A 272 -22.37 0.19 0.48
N GLU A 273 -21.62 0.25 1.57
CA GLU A 273 -22.13 0.84 2.80
C GLU A 273 -22.47 2.32 2.64
N ALA A 274 -21.63 3.05 1.93
CA ALA A 274 -21.84 4.48 1.73
C ALA A 274 -22.99 4.78 0.76
N LEU A 275 -23.35 3.79 -0.06
CA LEU A 275 -24.45 3.96 -1.01
C LEU A 275 -25.80 3.75 -0.33
N GLN A 276 -25.79 3.23 0.89
CA GLN A 276 -27.04 3.00 1.62
C GLN A 276 -27.52 4.30 2.25
N PRO A 277 -28.84 4.50 2.33
CA PRO A 277 -29.36 5.73 2.93
C PRO A 277 -28.84 5.94 4.36
N GLU A 278 -28.58 4.84 5.05
CA GLU A 278 -28.08 4.91 6.43
C GLU A 278 -26.76 5.69 6.54
N PHE A 279 -25.94 5.66 5.50
CA PHE A 279 -24.68 6.38 5.55
C PHE A 279 -24.87 7.89 5.60
N LYS A 280 -25.94 8.38 4.97
CA LYS A 280 -26.21 9.81 4.98
C LYS A 280 -26.62 10.22 6.39
N GLU A 281 -27.34 9.35 7.08
CA GLU A 281 -27.77 9.66 8.45
C GLU A 281 -26.53 9.68 9.35
N TYR A 282 -25.64 8.72 9.15
CA TYR A 282 -24.41 8.67 9.93
C TYR A 282 -23.62 9.96 9.72
N SER A 283 -23.45 10.32 8.46
CA SER A 283 -22.70 11.52 8.12
C SER A 283 -23.33 12.79 8.68
N ARG A 284 -24.65 12.84 8.72
CA ARG A 284 -25.33 14.01 9.26
C ARG A 284 -24.99 14.12 10.74
N LEU A 285 -24.97 12.99 11.44
CA LEU A 285 -24.63 12.97 12.86
C LEU A 285 -23.18 13.36 13.07
N VAL A 286 -22.30 12.96 12.16
CA VAL A 286 -20.89 13.32 12.28
C VAL A 286 -20.76 14.85 12.29
N VAL A 287 -21.39 15.49 11.33
CA VAL A 287 -21.32 16.95 11.22
C VAL A 287 -22.03 17.64 12.39
N GLU A 288 -23.19 17.14 12.79
CA GLU A 288 -23.92 17.72 13.90
C GLU A 288 -23.10 17.58 15.18
N ASN A 289 -22.48 16.42 15.37
CA ASN A 289 -21.66 16.18 16.55
C ASN A 289 -20.48 17.14 16.60
N ALA A 290 -19.83 17.35 15.46
CA ALA A 290 -18.68 18.25 15.40
C ALA A 290 -19.09 19.68 15.73
N LYS A 291 -20.17 20.14 15.11
CA LYS A 291 -20.67 21.49 15.35
C LYS A 291 -21.05 21.67 16.81
N ARG A 292 -21.76 20.70 17.37
CA ARG A 292 -22.20 20.76 18.75
C ARG A 292 -21.06 20.68 19.75
N LEU A 293 -20.10 19.77 19.52
CA LEU A 293 -18.98 19.64 20.44
C LEU A 293 -18.16 20.93 20.45
N ALA A 294 -17.96 21.52 19.28
CA ALA A 294 -17.21 22.77 19.19
C ALA A 294 -17.95 23.84 19.99
N GLU A 295 -19.26 23.93 19.82
CA GLU A 295 -20.07 24.91 20.54
C GLU A 295 -20.00 24.69 22.05
N GLU A 296 -20.05 23.43 22.48
CA GLU A 296 -19.99 23.12 23.90
C GLU A 296 -18.64 23.46 24.51
N LEU A 297 -17.56 23.30 23.73
CA LEU A 297 -16.24 23.64 24.24
C LEU A 297 -16.10 25.16 24.28
N ALA A 298 -16.69 25.86 23.30
CA ALA A 298 -16.64 27.31 23.28
C ALA A 298 -17.38 27.84 24.52
N ARG A 299 -18.51 27.22 24.86
CA ARG A 299 -19.28 27.64 26.02
C ARG A 299 -18.50 27.44 27.30
N ARG A 300 -17.54 26.52 27.28
CA ARG A 300 -16.74 26.24 28.47
C ARG A 300 -15.45 27.02 28.56
N GLY A 301 -15.24 27.97 27.65
CA GLY A 301 -14.05 28.79 27.75
C GLY A 301 -12.95 28.65 26.72
N TYR A 302 -13.15 27.83 25.70
CA TYR A 302 -12.14 27.70 24.66
C TYR A 302 -12.60 28.52 23.46
N ARG A 303 -11.69 28.74 22.51
CA ARG A 303 -12.06 29.47 21.29
C ARG A 303 -11.91 28.46 20.16
N ILE A 304 -12.80 28.51 19.20
CA ILE A 304 -12.75 27.61 18.06
C ILE A 304 -12.24 28.38 16.84
N VAL A 305 -11.19 27.87 16.21
CA VAL A 305 -10.63 28.52 15.03
C VAL A 305 -11.71 28.63 13.95
N THR A 306 -11.82 29.82 13.37
CA THR A 306 -12.83 30.18 12.35
C THR A 306 -14.21 30.29 12.98
N GLY A 307 -14.29 30.11 14.30
CA GLY A 307 -15.55 30.22 15.00
C GLY A 307 -16.44 28.99 14.99
N GLY A 308 -15.99 27.93 14.32
CA GLY A 308 -16.78 26.73 14.26
C GLY A 308 -16.28 25.81 13.17
N THR A 309 -17.20 25.08 12.55
CA THR A 309 -16.83 24.14 11.49
C THR A 309 -17.98 23.85 10.54
N ASP A 310 -17.63 23.48 9.30
CA ASP A 310 -18.60 23.11 8.27
C ASP A 310 -18.53 21.60 8.07
N ASN A 311 -17.55 20.95 8.70
CA ASN A 311 -17.39 19.51 8.50
C ASN A 311 -17.28 18.65 9.76
N HIS A 312 -16.47 17.61 9.67
CA HIS A 312 -16.27 16.64 10.75
C HIS A 312 -15.20 16.99 11.77
N LEU A 313 -14.46 18.07 11.53
CA LEU A 313 -13.38 18.43 12.44
C LEU A 313 -13.38 19.89 12.82
N PHE A 314 -12.66 20.20 13.90
CA PHE A 314 -12.53 21.58 14.32
C PHE A 314 -11.22 21.73 15.09
N LEU A 315 -10.76 22.97 15.17
CA LEU A 315 -9.52 23.29 15.84
C LEU A 315 -9.82 24.12 17.07
N VAL A 316 -9.31 23.67 18.22
CA VAL A 316 -9.50 24.36 19.48
C VAL A 316 -8.28 25.21 19.82
N ASP A 317 -8.51 26.50 20.00
CA ASP A 317 -7.49 27.48 20.38
C ASP A 317 -7.49 27.41 21.92
N LEU A 318 -6.39 26.91 22.48
CA LEU A 318 -6.26 26.73 23.92
C LEU A 318 -5.77 27.95 24.68
N ARG A 319 -5.43 29.02 23.97
CA ARG A 319 -4.93 30.22 24.61
C ARG A 319 -5.78 30.82 25.74
N PRO A 320 -7.12 30.76 25.64
CA PRO A 320 -7.92 31.34 26.73
C PRO A 320 -7.62 30.71 28.08
N LYS A 321 -7.17 29.45 28.08
CA LYS A 321 -6.88 28.77 29.33
C LYS A 321 -5.40 28.57 29.60
N GLY A 322 -4.57 29.25 28.83
CA GLY A 322 -3.13 29.17 29.02
C GLY A 322 -2.48 27.82 28.87
N LEU A 323 -2.97 27.02 27.93
CA LEU A 323 -2.42 25.69 27.69
C LEU A 323 -1.83 25.59 26.29
N THR A 324 -0.86 24.70 26.13
CA THR A 324 -0.25 24.48 24.82
C THR A 324 -0.93 23.22 24.27
N GLY A 325 -0.82 23.03 22.96
CA GLY A 325 -1.41 21.84 22.35
C GLY A 325 -0.75 20.59 22.87
N LYS A 326 0.56 20.64 23.07
CA LYS A 326 1.31 19.49 23.58
C LYS A 326 0.79 19.11 24.97
N GLU A 327 0.60 20.10 25.82
CA GLU A 327 0.11 19.86 27.18
C GLU A 327 -1.30 19.27 27.15
N ALA A 328 -2.16 19.84 26.33
CA ALA A 328 -3.54 19.37 26.22
C ALA A 328 -3.58 17.92 25.74
N GLU A 329 -2.79 17.62 24.72
CA GLU A 329 -2.74 16.27 24.17
C GLU A 329 -2.33 15.26 25.24
N GLU A 330 -1.34 15.63 26.04
CA GLU A 330 -0.85 14.74 27.10
C GLU A 330 -1.88 14.53 28.20
N ARG A 331 -2.49 15.61 28.67
CA ARG A 331 -3.49 15.50 29.73
C ARG A 331 -4.69 14.66 29.30
N LEU A 332 -5.12 14.84 28.05
CA LEU A 332 -6.25 14.07 27.54
C LEU A 332 -5.86 12.61 27.36
N ASP A 333 -4.66 12.36 26.85
CA ASP A 333 -4.20 11.00 26.66
C ASP A 333 -4.23 10.25 28.00
N ALA A 334 -3.83 10.94 29.06
CA ALA A 334 -3.79 10.35 30.39
C ALA A 334 -5.14 9.87 30.91
N VAL A 335 -6.23 10.42 30.37
CA VAL A 335 -7.56 9.99 30.80
C VAL A 335 -8.30 9.21 29.72
N GLY A 336 -7.56 8.73 28.72
CA GLY A 336 -8.16 7.93 27.66
C GLY A 336 -8.79 8.64 26.49
N ILE A 337 -8.49 9.91 26.31
CA ILE A 337 -9.03 10.68 25.19
C ILE A 337 -7.89 11.04 24.26
N THR A 338 -7.99 10.61 23.01
CA THR A 338 -6.95 10.86 22.03
C THR A 338 -7.30 11.97 21.05
N VAL A 339 -6.46 13.01 21.05
CA VAL A 339 -6.60 14.15 20.13
C VAL A 339 -5.16 14.39 19.66
N ASN A 340 -4.95 15.36 18.78
CA ASN A 340 -3.57 15.67 18.40
C ASN A 340 -3.39 17.17 18.38
N LYS A 341 -2.21 17.61 18.82
CA LYS A 341 -1.91 19.03 18.85
C LYS A 341 -1.94 19.54 17.42
N ASN A 342 -2.28 20.80 17.25
CA ASN A 342 -2.38 21.39 15.93
C ASN A 342 -2.15 22.89 16.09
N ALA A 343 -1.31 23.45 15.24
CA ALA A 343 -1.02 24.87 15.31
C ALA A 343 -2.25 25.67 14.91
N ILE A 344 -2.46 26.80 15.59
CA ILE A 344 -3.57 27.66 15.23
C ILE A 344 -2.95 28.61 14.20
N PRO A 345 -3.77 29.35 13.46
CA PRO A 345 -3.19 30.27 12.47
C PRO A 345 -2.19 31.22 13.12
N PHE A 346 -1.02 31.37 12.49
CA PHE A 346 0.02 32.25 13.01
C PHE A 346 0.25 31.99 14.49
N ASP A 347 0.39 30.71 14.82
CA ASP A 347 0.60 30.26 16.19
C ASP A 347 1.83 30.89 16.83
N PRO A 348 1.68 31.46 18.04
CA PRO A 348 2.81 32.09 18.73
C PRO A 348 3.79 31.05 19.30
N LYS A 349 3.39 29.79 19.29
CA LYS A 349 4.21 28.70 19.80
C LYS A 349 4.78 27.89 18.63
N PRO A 350 5.96 27.29 18.80
CA PRO A 350 6.58 26.48 17.76
C PRO A 350 5.77 25.22 17.45
N PRO A 351 5.97 24.63 16.26
CA PRO A 351 5.25 23.42 15.83
C PRO A 351 5.28 22.24 16.79
N ARG A 352 6.37 22.10 17.55
CA ARG A 352 6.48 20.99 18.50
C ARG A 352 5.66 21.24 19.76
N VAL A 353 5.15 22.46 19.91
CA VAL A 353 4.35 22.83 21.07
C VAL A 353 2.91 23.15 20.68
N THR A 354 2.74 24.19 19.86
CA THR A 354 1.46 24.67 19.37
C THR A 354 0.54 25.23 20.46
N SER A 355 -0.51 25.91 20.02
CA SER A 355 -1.48 26.50 20.93
C SER A 355 -2.86 25.89 20.76
N GLY A 356 -2.95 24.75 20.08
CA GLY A 356 -4.25 24.15 19.90
C GLY A 356 -4.27 22.65 19.69
N ILE A 357 -5.47 22.12 19.53
CA ILE A 357 -5.66 20.70 19.26
C ILE A 357 -6.75 20.55 18.22
N ARG A 358 -6.66 19.47 17.46
CA ARG A 358 -7.66 19.17 16.44
C ARG A 358 -8.51 18.03 16.97
N ILE A 359 -9.81 18.14 16.79
CA ILE A 359 -10.76 17.12 17.20
C ILE A 359 -11.67 16.81 16.03
N GLY A 360 -11.98 15.54 15.85
CA GLY A 360 -12.87 15.10 14.80
C GLY A 360 -13.86 14.10 15.38
N THR A 361 -15.09 14.10 14.87
CA THR A 361 -16.13 13.22 15.36
C THR A 361 -16.48 11.94 14.59
N PRO A 362 -15.83 11.67 13.44
CA PRO A 362 -16.21 10.44 12.74
C PRO A 362 -16.19 9.14 13.55
N ALA A 363 -15.12 8.94 14.30
CA ALA A 363 -14.96 7.72 15.08
C ALA A 363 -15.99 7.55 16.20
N ILE A 364 -16.18 8.58 17.04
CA ILE A 364 -17.15 8.43 18.11
C ILE A 364 -18.57 8.35 17.57
N THR A 365 -18.83 8.98 16.43
CA THR A 365 -20.16 8.92 15.85
C THR A 365 -20.44 7.48 15.40
N THR A 366 -19.43 6.81 14.86
CA THR A 366 -19.60 5.42 14.43
C THR A 366 -19.94 4.55 15.63
N ARG A 367 -19.40 4.90 16.79
CA ARG A 367 -19.66 4.16 18.02
C ARG A 367 -20.97 4.53 18.69
N GLY A 368 -21.79 5.33 18.01
CA GLY A 368 -23.09 5.68 18.58
C GLY A 368 -23.27 6.98 19.33
N PHE A 369 -22.25 7.83 19.39
CA PHE A 369 -22.41 9.10 20.09
C PHE A 369 -23.31 10.01 19.29
N THR A 370 -24.21 10.71 19.98
CA THR A 370 -25.15 11.62 19.34
C THR A 370 -24.96 13.03 19.88
N PRO A 371 -25.51 14.04 19.17
CA PRO A 371 -25.38 15.44 19.58
C PRO A 371 -25.69 15.77 21.04
N GLU A 372 -26.74 15.19 21.60
CA GLU A 372 -27.08 15.50 22.99
C GLU A 372 -26.06 14.97 23.99
N GLU A 373 -25.10 14.19 23.51
CA GLU A 373 -24.05 13.66 24.39
C GLU A 373 -22.79 14.52 24.31
N MET A 374 -22.76 15.45 23.38
CA MET A 374 -21.57 16.30 23.24
C MET A 374 -21.32 17.19 24.46
N PRO A 375 -22.38 17.64 25.15
CA PRO A 375 -22.09 18.49 26.32
C PRO A 375 -21.23 17.72 27.33
N LEU A 376 -21.57 16.44 27.54
CA LEU A 376 -20.82 15.60 28.46
C LEU A 376 -19.38 15.40 27.98
N VAL A 377 -19.20 15.13 26.69
CA VAL A 377 -17.86 14.94 26.16
C VAL A 377 -17.05 16.22 26.36
N ALA A 378 -17.67 17.37 26.11
CA ALA A 378 -16.98 18.64 26.29
C ALA A 378 -16.58 18.83 27.75
N GLU A 379 -17.46 18.44 28.67
CA GLU A 379 -17.18 18.56 30.10
C GLU A 379 -16.00 17.68 30.51
N LEU A 380 -15.94 16.46 29.99
CA LEU A 380 -14.85 15.56 30.31
C LEU A 380 -13.52 16.10 29.79
N ILE A 381 -13.55 16.66 28.57
CA ILE A 381 -12.35 17.23 27.98
C ILE A 381 -11.88 18.41 28.83
N ASP A 382 -12.80 19.29 29.19
CA ASP A 382 -12.48 20.47 29.99
C ASP A 382 -11.91 20.07 31.35
N ARG A 383 -12.53 19.09 31.99
CA ARG A 383 -12.06 18.62 33.30
C ARG A 383 -10.63 18.09 33.20
N ALA A 384 -10.35 17.33 32.15
CA ALA A 384 -9.02 16.76 31.97
C ALA A 384 -7.98 17.87 31.83
N LEU A 385 -8.34 18.92 31.10
CA LEU A 385 -7.43 20.04 30.87
C LEU A 385 -7.28 20.95 32.09
N LEU A 386 -8.35 21.10 32.86
CA LEU A 386 -8.32 21.97 34.04
C LEU A 386 -7.78 21.29 35.30
N GLU A 387 -8.27 20.08 35.58
CA GLU A 387 -7.84 19.35 36.77
C GLU A 387 -6.62 18.49 36.53
N GLY A 388 -6.38 18.11 35.29
CA GLY A 388 -5.26 17.25 34.99
C GLY A 388 -5.78 15.82 35.09
N PRO A 389 -4.97 14.81 34.76
CA PRO A 389 -5.43 13.43 34.84
C PRO A 389 -5.67 12.91 36.26
N SER A 390 -6.58 11.94 36.37
CA SER A 390 -6.91 11.31 37.64
C SER A 390 -7.52 9.95 37.32
N GLU A 391 -7.40 9.02 38.25
CA GLU A 391 -7.96 7.68 38.06
C GLU A 391 -9.46 7.75 37.86
N ALA A 392 -10.14 8.57 38.66
CA ALA A 392 -11.58 8.72 38.58
C ALA A 392 -12.02 9.16 37.18
N LEU A 393 -11.33 10.14 36.61
CA LEU A 393 -11.67 10.64 35.29
C LEU A 393 -11.38 9.59 34.22
N ARG A 394 -10.24 8.91 34.33
CA ARG A 394 -9.90 7.88 33.35
C ARG A 394 -10.96 6.81 33.32
N GLU A 395 -11.46 6.43 34.50
CA GLU A 395 -12.46 5.39 34.59
C GLU A 395 -13.83 5.85 34.11
N GLU A 396 -14.15 7.14 34.30
CA GLU A 396 -15.43 7.63 33.81
C GLU A 396 -15.40 7.59 32.30
N VAL A 397 -14.25 7.95 31.73
CA VAL A 397 -14.09 7.92 30.27
C VAL A 397 -14.16 6.48 29.79
N ARG A 398 -13.52 5.56 30.52
CA ARG A 398 -13.54 4.15 30.14
C ARG A 398 -14.97 3.63 30.11
N ARG A 399 -15.74 3.95 31.15
CA ARG A 399 -17.13 3.51 31.21
C ARG A 399 -17.95 4.08 30.07
N LEU A 400 -17.75 5.37 29.78
CA LEU A 400 -18.49 6.01 28.71
C LEU A 400 -18.16 5.37 27.36
N ALA A 401 -16.88 5.09 27.13
CA ALA A 401 -16.45 4.47 25.89
C ALA A 401 -17.08 3.09 25.75
N LEU A 402 -17.01 2.30 26.82
CA LEU A 402 -17.59 0.96 26.79
C LEU A 402 -19.09 0.95 26.55
N ALA A 403 -19.76 2.03 26.96
CA ALA A 403 -21.21 2.14 26.78
C ALA A 403 -21.58 2.47 25.33
N HIS A 404 -20.56 2.70 24.51
CA HIS A 404 -20.74 3.00 23.09
C HIS A 404 -19.92 1.98 22.31
N PRO A 405 -20.46 0.75 22.16
CA PRO A 405 -19.80 -0.34 21.45
C PRO A 405 -19.31 -0.08 20.03
N MET A 406 -18.17 -0.67 19.71
CA MET A 406 -17.55 -0.56 18.39
C MET A 406 -18.34 -1.40 17.39
N PRO A 407 -18.14 -1.16 16.09
CA PRO A 407 -18.84 -1.91 15.04
C PRO A 407 -18.71 -3.43 15.21
N LYS B 6 -26.89 -4.36 6.91
CA LYS B 6 -27.04 -5.09 5.61
C LYS B 6 -25.69 -5.63 5.15
N ARG B 7 -25.67 -6.90 4.76
CA ARG B 7 -24.45 -7.53 4.27
C ARG B 7 -24.32 -7.34 2.76
N ASP B 8 -23.10 -7.09 2.31
CA ASP B 8 -22.82 -6.89 0.90
C ASP B 8 -22.75 -8.28 0.25
N GLU B 9 -23.91 -8.91 0.10
CA GLU B 9 -23.99 -10.25 -0.48
C GLU B 9 -23.30 -10.42 -1.83
N ALA B 10 -23.46 -9.44 -2.72
CA ALA B 10 -22.85 -9.54 -4.04
C ALA B 10 -21.33 -9.65 -3.96
N LEU B 11 -20.73 -8.81 -3.13
CA LEU B 11 -19.27 -8.83 -3.00
C LEU B 11 -18.80 -10.14 -2.39
N PHE B 12 -19.48 -10.60 -1.34
CA PHE B 12 -19.05 -11.84 -0.71
C PHE B 12 -19.31 -13.06 -1.58
N GLU B 13 -20.25 -12.97 -2.52
CA GLU B 13 -20.48 -14.09 -3.42
C GLU B 13 -19.27 -14.16 -4.35
N LEU B 14 -18.72 -13.01 -4.72
CA LEU B 14 -17.54 -12.99 -5.57
C LEU B 14 -16.34 -13.56 -4.82
N ILE B 15 -16.22 -13.24 -3.54
CA ILE B 15 -15.11 -13.78 -2.76
C ILE B 15 -15.25 -15.31 -2.71
N ALA B 16 -16.48 -15.80 -2.56
CA ALA B 16 -16.70 -17.25 -2.53
C ALA B 16 -16.28 -17.87 -3.86
N LEU B 17 -16.54 -17.17 -4.96
CA LEU B 17 -16.17 -17.67 -6.27
C LEU B 17 -14.65 -17.70 -6.44
N GLU B 18 -13.96 -16.75 -5.83
CA GLU B 18 -12.50 -16.72 -5.91
C GLU B 18 -11.94 -17.85 -5.05
N GLU B 19 -12.57 -18.13 -3.92
CA GLU B 19 -12.12 -19.22 -3.07
C GLU B 19 -12.25 -20.52 -3.86
N LYS B 20 -13.37 -20.65 -4.57
CA LYS B 20 -13.63 -21.83 -5.38
C LYS B 20 -12.58 -21.95 -6.49
N ARG B 21 -12.29 -20.84 -7.16
CA ARG B 21 -11.29 -20.84 -8.23
C ARG B 21 -9.95 -21.29 -7.69
N GLN B 22 -9.57 -20.76 -6.53
CA GLN B 22 -8.28 -21.12 -5.94
C GLN B 22 -8.22 -22.59 -5.55
N ARG B 23 -9.34 -23.15 -5.12
CA ARG B 23 -9.41 -24.57 -4.73
C ARG B 23 -9.37 -25.53 -5.91
N GLU B 24 -9.97 -25.13 -7.02
CA GLU B 24 -10.09 -26.01 -8.18
C GLU B 24 -9.09 -25.88 -9.33
N GLY B 25 -8.03 -25.12 -9.13
CA GLY B 25 -7.07 -24.98 -10.20
C GLY B 25 -5.65 -25.23 -9.73
N LEU B 26 -4.71 -25.23 -10.67
CA LEU B 26 -3.31 -25.40 -10.34
C LEU B 26 -2.68 -24.04 -10.55
N GLU B 27 -2.38 -23.36 -9.44
CA GLU B 27 -1.80 -22.03 -9.50
C GLU B 27 -0.29 -22.16 -9.61
N LEU B 28 0.23 -21.92 -10.82
CA LEU B 28 1.66 -22.03 -11.08
C LEU B 28 2.38 -20.70 -11.31
N ILE B 29 1.74 -19.59 -10.93
CA ILE B 29 2.38 -18.29 -11.07
C ILE B 29 3.47 -18.27 -9.99
N ALA B 30 4.71 -18.11 -10.43
CA ALA B 30 5.87 -18.14 -9.52
C ALA B 30 5.86 -17.16 -8.36
N SER B 31 5.19 -16.03 -8.54
CA SER B 31 5.13 -15.00 -7.51
C SER B 31 3.92 -15.13 -6.58
N GLU B 32 3.12 -16.18 -6.76
CA GLU B 32 1.96 -16.36 -5.88
C GLU B 32 2.18 -17.44 -4.83
N ASN B 33 1.31 -17.43 -3.83
CA ASN B 33 1.36 -18.40 -2.76
C ASN B 33 -0.01 -18.36 -2.08
N PHE B 34 -0.15 -19.09 -0.98
CA PHE B 34 -1.39 -19.10 -0.23
C PHE B 34 -1.07 -18.81 1.21
N VAL B 35 -1.58 -17.69 1.73
CA VAL B 35 -1.33 -17.32 3.11
C VAL B 35 -2.16 -18.16 4.07
N SER B 36 -1.66 -18.31 5.29
CA SER B 36 -2.33 -19.09 6.31
C SER B 36 -3.56 -18.34 6.85
N LYS B 37 -4.42 -19.07 7.55
CA LYS B 37 -5.60 -18.47 8.13
C LYS B 37 -5.20 -17.41 9.16
N GLN B 38 -4.13 -17.66 9.91
CA GLN B 38 -3.75 -16.66 10.91
C GLN B 38 -3.14 -15.41 10.28
N VAL B 39 -2.49 -15.53 9.14
CA VAL B 39 -1.96 -14.33 8.49
C VAL B 39 -3.19 -13.50 8.06
N ARG B 40 -4.23 -14.18 7.56
CA ARG B 40 -5.44 -13.50 7.16
C ARG B 40 -6.15 -12.87 8.36
N GLU B 41 -6.14 -13.56 9.49
CA GLU B 41 -6.79 -13.05 10.70
C GLU B 41 -6.13 -11.73 11.13
N ALA B 42 -4.80 -11.68 11.07
CA ALA B 42 -4.09 -10.47 11.44
C ALA B 42 -4.39 -9.33 10.47
N VAL B 43 -4.37 -9.63 9.17
CA VAL B 43 -4.64 -8.61 8.17
C VAL B 43 -6.07 -8.08 8.27
N GLY B 44 -6.99 -8.93 8.69
CA GLY B 44 -8.38 -8.50 8.83
C GLY B 44 -8.70 -7.98 10.23
N SER B 45 -7.67 -7.62 10.99
CA SER B 45 -7.86 -7.13 12.35
C SER B 45 -8.22 -5.66 12.45
N VAL B 46 -8.55 -5.23 13.67
CA VAL B 46 -8.91 -3.85 13.93
C VAL B 46 -7.71 -2.91 13.88
N LEU B 47 -6.51 -3.44 13.67
CA LEU B 47 -5.33 -2.58 13.63
C LEU B 47 -5.39 -1.57 12.48
N THR B 48 -6.27 -1.81 11.53
CA THR B 48 -6.45 -0.90 10.41
C THR B 48 -7.03 0.44 10.89
N ASN B 49 -7.66 0.43 12.07
CA ASN B 49 -8.28 1.65 12.62
C ASN B 49 -7.33 2.65 13.27
N LYS B 50 -6.04 2.35 13.29
CA LYS B 50 -5.10 3.26 13.92
C LYS B 50 -4.10 3.90 12.97
N TYR B 51 -4.04 5.22 13.01
CA TYR B 51 -3.10 5.99 12.19
C TYR B 51 -1.81 6.01 12.99
N ALA B 52 -0.77 5.38 12.46
CA ALA B 52 0.51 5.32 13.15
C ALA B 52 1.67 5.93 12.38
N GLU B 53 1.46 7.11 11.82
CA GLU B 53 2.54 7.78 11.08
C GLU B 53 3.74 7.93 12.02
N GLY B 54 4.92 7.68 11.46
CA GLY B 54 6.13 7.77 12.24
C GLY B 54 6.65 6.36 12.46
N TYR B 55 7.39 6.16 13.54
CA TYR B 55 7.94 4.85 13.86
C TYR B 55 7.72 4.50 15.32
N PRO B 56 7.92 3.23 15.70
CA PRO B 56 7.72 2.85 17.10
C PRO B 56 8.46 3.78 18.06
N GLY B 57 7.73 4.28 19.06
CA GLY B 57 8.33 5.17 20.05
C GLY B 57 8.57 6.57 19.52
N ALA B 58 8.20 6.82 18.26
CA ALA B 58 8.38 8.12 17.63
C ALA B 58 7.24 8.36 16.64
N ARG B 59 6.01 8.34 17.16
CA ARG B 59 4.81 8.54 16.34
C ARG B 59 4.33 9.97 16.40
N TYR B 60 3.58 10.36 15.38
CA TYR B 60 3.02 11.71 15.36
C TYR B 60 1.89 11.80 16.38
N TYR B 61 1.10 10.73 16.48
CA TYR B 61 -0.05 10.70 17.39
C TYR B 61 0.08 9.71 18.54
N GLY B 62 -0.68 9.97 19.60
CA GLY B 62 -0.67 9.08 20.75
C GLY B 62 -1.61 7.90 20.52
N GLY B 63 -1.65 6.99 21.48
CA GLY B 63 -2.52 5.83 21.33
C GLY B 63 -1.92 4.67 20.56
N CYS B 64 -0.64 4.78 20.21
CA CYS B 64 0.05 3.70 19.47
C CYS B 64 0.84 2.77 20.38
N GLU B 65 0.57 2.81 21.68
CA GLU B 65 1.29 1.97 22.63
C GLU B 65 1.33 0.50 22.24
N VAL B 66 0.19 -0.06 21.81
CA VAL B 66 0.16 -1.46 21.43
C VAL B 66 0.68 -1.64 20.00
N ILE B 67 0.29 -0.73 19.12
CA ILE B 67 0.74 -0.78 17.73
C ILE B 67 2.28 -0.82 17.67
N ASP B 68 2.91 -0.06 18.54
CA ASP B 68 4.37 -0.02 18.57
C ASP B 68 4.96 -1.38 18.86
N ARG B 69 4.33 -2.12 19.78
CA ARG B 69 4.82 -3.46 20.09
C ARG B 69 4.60 -4.41 18.91
N VAL B 70 3.52 -4.20 18.16
CA VAL B 70 3.26 -5.05 17.00
C VAL B 70 4.30 -4.78 15.91
N GLU B 71 4.49 -3.51 15.56
CA GLU B 71 5.46 -3.18 14.52
C GLU B 71 6.87 -3.59 14.95
N SER B 72 7.20 -3.34 16.22
CA SER B 72 8.51 -3.69 16.74
C SER B 72 8.74 -5.20 16.66
N LEU B 73 7.70 -5.97 16.97
CA LEU B 73 7.82 -7.42 16.91
C LEU B 73 8.13 -7.85 15.47
N ALA B 74 7.46 -7.22 14.51
CA ALA B 74 7.69 -7.54 13.10
C ALA B 74 9.13 -7.19 12.71
N ILE B 75 9.58 -6.02 13.15
CA ILE B 75 10.94 -5.56 12.86
C ILE B 75 12.00 -6.51 13.44
N GLU B 76 11.88 -6.83 14.72
CA GLU B 76 12.86 -7.70 15.35
C GLU B 76 12.85 -9.11 14.79
N ARG B 77 11.67 -9.61 14.41
CA ARG B 77 11.59 -10.94 13.83
C ARG B 77 12.22 -10.94 12.43
N ALA B 78 12.03 -9.86 11.68
CA ALA B 78 12.62 -9.77 10.35
C ALA B 78 14.14 -9.76 10.50
N LYS B 79 14.63 -9.00 11.48
CA LYS B 79 16.07 -8.94 11.73
C LYS B 79 16.63 -10.30 12.10
N ALA B 80 15.93 -11.03 12.96
CA ALA B 80 16.39 -12.35 13.39
C ALA B 80 16.31 -13.38 12.28
N LEU B 81 15.24 -13.30 11.49
CA LEU B 81 15.05 -14.24 10.39
C LEU B 81 16.10 -14.12 9.29
N PHE B 82 16.49 -12.89 8.98
CA PHE B 82 17.46 -12.66 7.91
C PHE B 82 18.86 -12.26 8.35
N GLY B 83 19.07 -12.14 9.66
CA GLY B 83 20.36 -11.75 10.17
C GLY B 83 20.69 -10.32 9.79
N ALA B 84 19.71 -9.44 9.94
CA ALA B 84 19.87 -8.03 9.61
C ALA B 84 19.98 -7.17 10.87
N ALA B 85 20.69 -6.05 10.75
CA ALA B 85 20.87 -5.14 11.88
C ALA B 85 19.75 -4.11 11.96
N TRP B 86 19.00 -3.98 10.87
CA TRP B 86 17.90 -3.01 10.79
C TRP B 86 16.87 -3.50 9.78
N ALA B 87 15.61 -3.13 10.03
CA ALA B 87 14.52 -3.49 9.13
C ALA B 87 13.43 -2.44 9.18
N ASN B 88 12.78 -2.25 8.04
CA ASN B 88 11.64 -1.34 7.94
C ASN B 88 10.53 -2.22 7.39
N VAL B 89 9.46 -2.35 8.16
CA VAL B 89 8.33 -3.20 7.79
C VAL B 89 7.13 -2.43 7.27
N GLN B 90 7.29 -1.13 7.06
CA GLN B 90 6.19 -0.30 6.57
C GLN B 90 5.92 -0.23 5.06
N PRO B 91 6.86 -0.65 4.19
CA PRO B 91 6.51 -0.52 2.76
C PRO B 91 5.21 -1.20 2.37
N HIS B 92 4.35 -0.49 1.65
CA HIS B 92 3.05 -1.06 1.23
C HIS B 92 3.18 -2.19 0.22
N SER B 93 4.34 -2.26 -0.44
CA SER B 93 4.56 -3.28 -1.47
C SER B 93 6.05 -3.38 -1.78
N GLY B 94 6.40 -4.32 -2.64
CA GLY B 94 7.79 -4.45 -3.03
C GLY B 94 8.20 -3.23 -3.83
N SER B 95 7.27 -2.68 -4.60
CA SER B 95 7.55 -1.49 -5.41
C SER B 95 7.88 -0.29 -4.51
N GLN B 96 7.13 -0.12 -3.43
CA GLN B 96 7.39 1.00 -2.53
C GLN B 96 8.72 0.81 -1.79
N ALA B 97 9.07 -0.45 -1.50
CA ALA B 97 10.34 -0.72 -0.83
C ALA B 97 11.47 -0.24 -1.75
N ASN B 98 11.41 -0.59 -3.02
CA ASN B 98 12.44 -0.17 -3.95
C ASN B 98 12.43 1.34 -4.18
N MET B 99 11.25 1.92 -4.29
CA MET B 99 11.14 3.36 -4.49
C MET B 99 11.82 4.14 -3.37
N ALA B 100 11.55 3.76 -2.12
CA ALA B 100 12.16 4.43 -0.99
C ALA B 100 13.67 4.29 -0.98
N VAL B 101 14.16 3.09 -1.27
CA VAL B 101 15.60 2.87 -1.30
C VAL B 101 16.27 3.68 -2.41
N TYR B 102 15.69 3.70 -3.60
CA TYR B 102 16.29 4.48 -4.69
C TYR B 102 16.34 5.96 -4.33
N MET B 103 15.27 6.47 -3.74
CA MET B 103 15.23 7.88 -3.38
C MET B 103 16.17 8.23 -2.23
N ALA B 104 16.50 7.23 -1.42
CA ALA B 104 17.41 7.46 -0.29
C ALA B 104 18.87 7.43 -0.75
N LEU B 105 19.14 6.65 -1.80
CA LEU B 105 20.51 6.50 -2.29
C LEU B 105 20.86 7.32 -3.54
N MET B 106 19.84 7.81 -4.24
CA MET B 106 20.08 8.56 -5.47
C MET B 106 19.21 9.80 -5.59
N GLU B 107 19.59 10.66 -6.51
CA GLU B 107 18.83 11.86 -6.83
C GLU B 107 18.38 11.61 -8.26
N PRO B 108 17.24 12.19 -8.66
CA PRO B 108 16.79 11.97 -10.04
C PRO B 108 17.90 12.33 -11.01
N GLY B 109 18.11 11.47 -12.01
CA GLY B 109 19.17 11.72 -12.98
C GLY B 109 20.38 10.83 -12.76
N ASP B 110 20.51 10.25 -11.57
CA ASP B 110 21.63 9.37 -11.29
C ASP B 110 21.48 8.10 -12.11
N THR B 111 22.58 7.39 -12.29
CA THR B 111 22.59 6.16 -13.06
C THR B 111 22.27 4.94 -12.19
N LEU B 112 21.27 4.19 -12.63
CA LEU B 112 20.81 2.98 -11.95
C LEU B 112 21.11 1.79 -12.86
N MET B 113 21.75 0.77 -12.32
CA MET B 113 22.08 -0.43 -13.09
C MET B 113 21.30 -1.61 -12.53
N GLY B 114 20.57 -2.30 -13.41
CA GLY B 114 19.80 -3.45 -12.98
C GLY B 114 19.74 -4.50 -14.07
N MET B 115 19.08 -5.63 -13.78
CA MET B 115 18.99 -6.68 -14.77
C MET B 115 17.93 -6.33 -15.81
N ASP B 116 18.27 -6.55 -17.08
CA ASP B 116 17.36 -6.27 -18.18
C ASP B 116 16.05 -7.04 -17.98
N LEU B 117 14.93 -6.39 -18.25
CA LEU B 117 13.63 -7.01 -18.09
C LEU B 117 13.53 -8.32 -18.87
N ALA B 118 14.09 -8.31 -20.08
CA ALA B 118 14.07 -9.49 -20.94
C ALA B 118 14.92 -10.64 -20.40
N ALA B 119 15.88 -10.32 -19.54
CA ALA B 119 16.75 -11.33 -18.97
C ALA B 119 16.26 -11.83 -17.61
N GLY B 120 15.23 -11.18 -17.08
CA GLY B 120 14.70 -11.60 -15.78
C GLY B 120 14.49 -10.49 -14.78
N GLY B 121 14.94 -9.28 -15.10
CA GLY B 121 14.78 -8.16 -14.18
C GLY B 121 13.33 -7.76 -13.99
N HIS B 122 13.04 -7.17 -12.82
CA HIS B 122 11.69 -6.72 -12.52
C HIS B 122 11.49 -5.33 -13.11
N LEU B 123 10.24 -4.93 -13.34
CA LEU B 123 9.98 -3.62 -13.90
C LEU B 123 10.54 -2.49 -13.03
N THR B 124 10.65 -2.70 -11.72
CA THR B 124 11.19 -1.67 -10.84
C THR B 124 12.72 -1.63 -10.88
N HIS B 125 13.32 -2.44 -11.74
CA HIS B 125 14.77 -2.48 -11.87
C HIS B 125 15.23 -1.62 -13.05
N GLY B 126 14.35 -0.76 -13.55
CA GLY B 126 14.75 0.11 -14.66
C GLY B 126 13.82 0.29 -15.85
N SER B 127 12.61 -0.26 -15.81
CA SER B 127 11.69 -0.09 -16.94
C SER B 127 11.43 1.38 -17.22
N ARG B 128 11.45 1.75 -18.50
CA ARG B 128 11.22 3.12 -18.91
C ARG B 128 9.84 3.65 -18.57
N VAL B 129 8.87 2.76 -18.39
CA VAL B 129 7.51 3.18 -18.05
C VAL B 129 7.24 3.07 -16.55
N ASN B 130 8.29 2.76 -15.80
CA ASN B 130 8.21 2.64 -14.34
C ASN B 130 8.99 3.80 -13.72
N PHE B 131 8.71 4.11 -12.46
CA PHE B 131 9.43 5.19 -11.79
C PHE B 131 10.94 5.00 -11.86
N SER B 132 11.38 3.75 -11.85
CA SER B 132 12.82 3.48 -11.89
C SER B 132 13.47 4.03 -13.16
N GLY B 133 12.85 3.79 -14.31
CA GLY B 133 13.40 4.28 -15.56
C GLY B 133 13.06 5.74 -15.85
N LYS B 134 11.98 6.23 -15.24
CA LYS B 134 11.58 7.61 -15.45
C LYS B 134 12.44 8.60 -14.67
N LEU B 135 12.77 8.23 -13.42
CA LEU B 135 13.55 9.11 -12.56
C LEU B 135 15.06 8.98 -12.70
N TYR B 136 15.53 7.80 -13.09
CA TYR B 136 16.96 7.56 -13.20
C TYR B 136 17.42 7.14 -14.59
N LYS B 137 18.71 7.29 -14.85
CA LYS B 137 19.30 6.90 -16.14
C LYS B 137 19.68 5.44 -15.97
N VAL B 138 18.97 4.56 -16.68
CA VAL B 138 19.18 3.13 -16.55
C VAL B 138 20.10 2.44 -17.56
N VAL B 139 20.90 1.53 -17.02
CA VAL B 139 21.78 0.69 -17.84
C VAL B 139 21.47 -0.71 -17.32
N SER B 140 21.40 -1.69 -18.22
CA SER B 140 21.05 -3.04 -17.80
C SER B 140 21.99 -4.13 -18.25
N TYR B 141 22.12 -5.15 -17.40
CA TYR B 141 22.95 -6.31 -17.71
C TYR B 141 21.99 -7.46 -17.97
N GLY B 142 22.44 -8.44 -18.73
CA GLY B 142 21.58 -9.58 -19.03
C GLY B 142 22.29 -10.90 -18.76
N VAL B 143 22.04 -11.87 -19.62
CA VAL B 143 22.66 -13.18 -19.49
C VAL B 143 23.35 -13.56 -20.80
N ARG B 144 24.22 -14.56 -20.74
CA ARG B 144 24.93 -15.02 -21.93
C ARG B 144 23.95 -15.76 -22.85
N PRO B 145 24.10 -15.59 -24.17
CA PRO B 145 23.20 -16.25 -25.12
C PRO B 145 23.38 -17.76 -25.20
N ASP B 146 24.56 -18.24 -24.82
CA ASP B 146 24.85 -19.67 -24.86
C ASP B 146 24.45 -20.45 -23.62
N THR B 147 24.63 -19.87 -22.44
CA THR B 147 24.29 -20.55 -21.19
C THR B 147 23.07 -19.94 -20.51
N GLU B 148 22.72 -18.73 -20.94
CA GLU B 148 21.58 -18.00 -20.38
C GLU B 148 21.80 -17.69 -18.89
N LEU B 149 23.08 -17.63 -18.51
CA LEU B 149 23.47 -17.31 -17.14
C LEU B 149 24.15 -15.94 -17.09
N ILE B 150 24.14 -15.34 -15.91
CA ILE B 150 24.78 -14.04 -15.72
C ILE B 150 26.30 -14.24 -15.79
N ASP B 151 26.97 -13.35 -16.50
CA ASP B 151 28.42 -13.40 -16.64
C ASP B 151 28.95 -12.26 -15.77
N LEU B 152 29.52 -12.60 -14.61
CA LEU B 152 30.02 -11.58 -13.70
C LEU B 152 31.05 -10.64 -14.31
N GLU B 153 31.84 -11.14 -15.25
CA GLU B 153 32.85 -10.30 -15.90
C GLU B 153 32.15 -9.26 -16.78
N GLU B 154 31.05 -9.68 -17.40
CA GLU B 154 30.28 -8.77 -18.26
C GLU B 154 29.63 -7.69 -17.38
N VAL B 155 29.11 -8.11 -16.23
CA VAL B 155 28.48 -7.18 -15.30
C VAL B 155 29.51 -6.16 -14.83
N ARG B 156 30.71 -6.66 -14.48
CA ARG B 156 31.77 -5.78 -14.01
C ARG B 156 32.14 -4.75 -15.08
N ARG B 157 32.25 -5.17 -16.33
CA ARG B 157 32.59 -4.26 -17.41
C ARG B 157 31.52 -3.18 -17.58
N LEU B 158 30.25 -3.57 -17.48
CA LEU B 158 29.17 -2.62 -17.61
C LEU B 158 29.21 -1.57 -16.49
N ALA B 159 29.51 -2.03 -15.29
CA ALA B 159 29.59 -1.13 -14.14
C ALA B 159 30.73 -0.14 -14.29
N LEU B 160 31.90 -0.61 -14.72
CA LEU B 160 33.05 0.25 -14.90
C LEU B 160 32.80 1.31 -15.98
N GLU B 161 32.09 0.91 -17.02
CA GLU B 161 31.81 1.82 -18.12
C GLU B 161 30.81 2.92 -17.76
N HIS B 162 29.74 2.54 -17.09
CA HIS B 162 28.67 3.49 -16.76
C HIS B 162 28.70 4.11 -15.37
N ARG B 163 29.51 3.57 -14.48
CA ARG B 163 29.64 4.09 -13.12
C ARG B 163 28.30 4.40 -12.46
N PRO B 164 27.46 3.39 -12.28
CA PRO B 164 26.15 3.56 -11.65
C PRO B 164 26.28 3.94 -10.18
N LYS B 165 25.29 4.64 -9.66
CA LYS B 165 25.26 5.04 -8.26
C LYS B 165 24.72 3.85 -7.46
N VAL B 166 23.84 3.08 -8.09
CA VAL B 166 23.23 1.91 -7.48
C VAL B 166 23.21 0.76 -8.49
N ILE B 167 23.57 -0.43 -8.02
CA ILE B 167 23.52 -1.63 -8.82
C ILE B 167 22.53 -2.55 -8.11
N VAL B 168 21.55 -3.05 -8.85
CA VAL B 168 20.56 -3.94 -8.28
C VAL B 168 20.84 -5.37 -8.71
N ALA B 169 20.89 -6.28 -7.73
CA ALA B 169 21.06 -7.71 -7.97
C ALA B 169 19.74 -8.31 -7.51
N GLY B 170 19.36 -9.42 -8.12
CA GLY B 170 18.09 -10.04 -7.78
C GLY B 170 17.21 -9.81 -8.99
N ALA B 171 16.18 -10.62 -9.14
CA ALA B 171 15.31 -10.49 -10.29
C ALA B 171 13.98 -11.18 -10.01
N SER B 172 13.04 -11.05 -10.94
CA SER B 172 11.74 -11.68 -10.78
C SER B 172 11.60 -12.91 -11.67
N ALA B 173 12.55 -13.12 -12.57
CA ALA B 173 12.49 -14.27 -13.46
C ALA B 173 13.85 -14.85 -13.85
N TYR B 174 14.75 -14.98 -12.88
CA TYR B 174 16.07 -15.57 -13.12
C TYR B 174 16.07 -16.86 -12.31
N PRO B 175 16.19 -18.01 -12.98
CA PRO B 175 16.18 -19.33 -12.34
C PRO B 175 17.43 -19.85 -11.64
N ARG B 176 18.46 -19.04 -11.47
CA ARG B 176 19.67 -19.53 -10.81
C ARG B 176 20.15 -18.67 -9.65
N PHE B 177 21.09 -19.22 -8.89
CA PHE B 177 21.66 -18.53 -7.74
C PHE B 177 22.41 -17.26 -8.12
N TRP B 178 22.56 -16.39 -7.14
CA TRP B 178 23.27 -15.12 -7.31
C TRP B 178 24.56 -15.13 -6.51
N ASP B 179 25.60 -14.51 -7.07
CA ASP B 179 26.88 -14.42 -6.38
C ASP B 179 26.88 -13.00 -5.81
N PHE B 180 26.29 -12.84 -4.64
CA PHE B 180 26.20 -11.53 -4.01
C PHE B 180 27.56 -10.97 -3.60
N LYS B 181 28.48 -11.84 -3.21
CA LYS B 181 29.82 -11.38 -2.84
C LYS B 181 30.48 -10.71 -4.04
N ALA B 182 30.35 -11.33 -5.21
CA ALA B 182 30.93 -10.78 -6.43
C ALA B 182 30.25 -9.47 -6.81
N PHE B 183 28.92 -9.42 -6.68
CA PHE B 183 28.21 -8.20 -7.01
C PHE B 183 28.65 -7.05 -6.11
N ARG B 184 28.95 -7.36 -4.85
CA ARG B 184 29.41 -6.33 -3.92
C ARG B 184 30.80 -5.86 -4.34
N GLU B 185 31.62 -6.79 -4.79
CA GLU B 185 32.98 -6.45 -5.24
C GLU B 185 32.87 -5.51 -6.44
N ILE B 186 31.93 -5.81 -7.34
CA ILE B 186 31.72 -4.98 -8.52
C ILE B 186 31.23 -3.60 -8.12
N ALA B 187 30.26 -3.55 -7.21
CA ALA B 187 29.74 -2.27 -6.75
C ALA B 187 30.88 -1.45 -6.14
N ASP B 188 31.71 -2.10 -5.32
CA ASP B 188 32.83 -1.42 -4.68
C ASP B 188 33.83 -0.88 -5.70
N GLU B 189 33.99 -1.58 -6.83
CA GLU B 189 34.93 -1.13 -7.86
C GLU B 189 34.55 0.22 -8.44
N VAL B 190 33.27 0.57 -8.38
CA VAL B 190 32.83 1.87 -8.91
C VAL B 190 32.21 2.78 -7.85
N GLY B 191 32.28 2.36 -6.59
CA GLY B 191 31.72 3.15 -5.51
C GLY B 191 30.22 3.22 -5.50
N ALA B 192 29.56 2.19 -6.01
CA ALA B 192 28.11 2.15 -6.05
C ALA B 192 27.54 1.39 -4.86
N TYR B 193 26.28 1.64 -4.57
CA TYR B 193 25.61 0.91 -3.51
C TYR B 193 25.08 -0.34 -4.17
N LEU B 194 25.16 -1.47 -3.47
CA LEU B 194 24.61 -2.70 -4.00
C LEU B 194 23.28 -2.91 -3.29
N VAL B 195 22.21 -2.96 -4.07
CA VAL B 195 20.88 -3.20 -3.54
C VAL B 195 20.46 -4.56 -4.05
N VAL B 196 20.09 -5.45 -3.14
CA VAL B 196 19.62 -6.77 -3.55
C VAL B 196 18.13 -6.82 -3.31
N ASP B 197 17.39 -7.08 -4.39
CA ASP B 197 15.95 -7.20 -4.33
C ASP B 197 15.70 -8.71 -4.27
N MET B 198 15.47 -9.23 -3.07
CA MET B 198 15.26 -10.66 -2.89
C MET B 198 13.80 -11.08 -2.86
N ALA B 199 12.90 -10.20 -3.29
CA ALA B 199 11.47 -10.49 -3.27
C ALA B 199 11.10 -11.92 -3.64
N HIS B 200 11.56 -12.39 -4.79
CA HIS B 200 11.20 -13.74 -5.19
C HIS B 200 11.71 -14.88 -4.34
N PHE B 201 12.98 -14.80 -3.94
CA PHE B 201 13.58 -15.87 -3.18
C PHE B 201 13.78 -15.62 -1.69
N ALA B 202 13.08 -14.61 -1.13
CA ALA B 202 13.22 -14.29 0.28
C ALA B 202 12.94 -15.47 1.19
N GLY B 203 11.90 -16.25 0.87
CA GLY B 203 11.58 -17.40 1.68
C GLY B 203 12.69 -18.43 1.64
N LEU B 204 13.30 -18.60 0.47
CA LEU B 204 14.40 -19.56 0.32
C LEU B 204 15.60 -19.10 1.14
N VAL B 205 15.83 -17.78 1.18
CA VAL B 205 16.93 -17.24 1.95
C VAL B 205 16.68 -17.50 3.43
N ALA B 206 15.44 -17.26 3.86
CA ALA B 206 15.06 -17.47 5.26
C ALA B 206 15.22 -18.94 5.67
N ALA B 207 15.06 -19.84 4.71
CA ALA B 207 15.18 -21.28 4.98
C ALA B 207 16.61 -21.78 4.80
N GLY B 208 17.51 -20.88 4.43
CA GLY B 208 18.90 -21.26 4.24
C GLY B 208 19.11 -22.10 2.98
N LEU B 209 18.23 -21.93 2.01
CA LEU B 209 18.31 -22.67 0.75
C LEU B 209 18.68 -21.81 -0.44
N HIS B 210 19.16 -20.60 -0.15
CA HIS B 210 19.59 -19.67 -1.19
C HIS B 210 20.61 -18.74 -0.53
N PRO B 211 21.66 -18.33 -1.28
CA PRO B 211 22.65 -17.44 -0.70
C PRO B 211 21.98 -16.23 -0.05
N ASN B 212 22.43 -15.86 1.14
CA ASN B 212 21.87 -14.72 1.85
C ASN B 212 22.61 -13.44 1.46
N PRO B 213 21.89 -12.44 0.97
CA PRO B 213 22.47 -11.16 0.56
C PRO B 213 22.82 -10.16 1.66
N LEU B 214 22.27 -10.36 2.85
CA LEU B 214 22.51 -9.41 3.95
C LEU B 214 23.95 -8.98 4.21
N PRO B 215 24.90 -9.91 4.23
CA PRO B 215 26.29 -9.51 4.50
C PRO B 215 26.98 -8.75 3.36
N TYR B 216 26.48 -8.91 2.14
CA TYR B 216 27.09 -8.29 0.98
C TYR B 216 26.41 -7.06 0.40
N ALA B 217 25.08 -7.04 0.45
CA ALA B 217 24.35 -5.89 -0.07
C ALA B 217 24.41 -4.75 0.93
N HIS B 218 24.34 -3.52 0.43
CA HIS B 218 24.31 -2.38 1.34
C HIS B 218 22.89 -2.31 1.88
N VAL B 219 21.92 -2.63 1.03
CA VAL B 219 20.50 -2.63 1.38
C VAL B 219 19.81 -3.78 0.67
N VAL B 220 18.82 -4.37 1.33
CA VAL B 220 18.07 -5.48 0.75
C VAL B 220 16.58 -5.12 0.77
N THR B 221 15.92 -5.28 -0.37
CA THR B 221 14.49 -5.01 -0.45
C THR B 221 13.78 -6.32 -0.72
N SER B 222 12.49 -6.37 -0.43
CA SER B 222 11.74 -7.58 -0.64
C SER B 222 10.25 -7.37 -0.47
N THR B 223 9.50 -8.35 -0.93
CA THR B 223 8.06 -8.38 -0.74
C THR B 223 7.93 -9.35 0.43
N THR B 224 6.79 -9.32 1.12
CA THR B 224 6.59 -10.25 2.23
C THR B 224 5.77 -11.43 1.73
N HIS B 225 5.23 -11.29 0.53
CA HIS B 225 4.47 -12.36 -0.10
C HIS B 225 5.50 -13.01 -1.02
N LYS B 226 5.08 -13.97 -1.82
CA LYS B 226 5.92 -14.75 -2.73
C LYS B 226 6.49 -15.94 -1.93
N THR B 227 7.77 -16.28 -2.07
CA THR B 227 8.23 -17.46 -1.31
C THR B 227 8.18 -17.30 0.20
N LEU B 228 8.18 -16.06 0.70
CA LEU B 228 8.10 -15.85 2.14
C LEU B 228 6.71 -16.19 2.66
N ARG B 229 5.75 -16.32 1.75
CA ARG B 229 4.38 -16.73 2.08
C ARG B 229 3.65 -15.86 3.10
N GLY B 230 3.95 -14.56 3.09
CA GLY B 230 3.30 -13.67 4.02
C GLY B 230 2.26 -12.79 3.35
N PRO B 231 1.76 -11.79 4.08
CA PRO B 231 0.75 -10.88 3.54
C PRO B 231 1.36 -10.06 2.41
N ARG B 232 0.52 -9.51 1.56
CA ARG B 232 0.99 -8.71 0.44
C ARG B 232 1.51 -7.37 0.96
N GLY B 233 2.81 -7.12 0.75
CA GLY B 233 3.43 -5.90 1.22
C GLY B 233 4.93 -5.92 0.99
N GLY B 234 5.63 -4.91 1.50
CA GLY B 234 7.08 -4.80 1.32
C GLY B 234 7.90 -4.83 2.58
N LEU B 235 9.22 -4.85 2.39
CA LEU B 235 10.18 -4.94 3.48
C LEU B 235 11.54 -4.41 3.03
N ILE B 236 12.28 -3.81 3.95
CA ILE B 236 13.63 -3.33 3.65
C ILE B 236 14.52 -3.76 4.81
N LEU B 237 15.73 -4.21 4.50
CA LEU B 237 16.68 -4.67 5.51
C LEU B 237 18.07 -4.14 5.20
N SER B 238 18.94 -4.12 6.21
CA SER B 238 20.31 -3.68 6.00
C SER B 238 21.20 -4.11 7.17
N ASN B 239 22.48 -4.31 6.87
CA ASN B 239 23.44 -4.69 7.89
C ASN B 239 23.99 -3.42 8.54
N ASP B 240 23.52 -2.27 8.05
CA ASP B 240 23.96 -0.97 8.55
C ASP B 240 22.78 -0.18 9.11
N PRO B 241 22.64 -0.13 10.45
CA PRO B 241 21.55 0.60 11.09
C PRO B 241 21.55 2.10 10.81
N GLU B 242 22.71 2.66 10.51
CA GLU B 242 22.81 4.09 10.21
C GLU B 242 22.19 4.39 8.86
N LEU B 243 22.47 3.53 7.88
CA LEU B 243 21.91 3.70 6.54
C LEU B 243 20.42 3.46 6.65
N GLY B 244 20.03 2.56 7.56
CA GLY B 244 18.63 2.26 7.75
C GLY B 244 17.88 3.50 8.21
N LYS B 245 18.50 4.29 9.08
CA LYS B 245 17.87 5.51 9.57
C LYS B 245 17.55 6.45 8.41
N ARG B 246 18.44 6.49 7.43
CA ARG B 246 18.24 7.35 6.26
C ARG B 246 17.05 6.85 5.45
N ILE B 247 16.99 5.55 5.24
CA ILE B 247 15.91 4.95 4.47
C ILE B 247 14.57 5.09 5.20
N ASP B 248 14.57 5.01 6.53
CA ASP B 248 13.34 5.16 7.28
C ASP B 248 12.69 6.49 6.92
N LYS B 249 13.51 7.53 6.78
CA LYS B 249 13.00 8.86 6.45
C LYS B 249 12.39 8.91 5.05
N LEU B 250 12.86 8.07 4.14
CA LEU B 250 12.29 8.06 2.80
C LEU B 250 10.96 7.31 2.77
N ILE B 251 10.79 6.29 3.60
CA ILE B 251 9.50 5.60 3.63
C ILE B 251 8.48 6.57 4.23
N PHE B 252 8.87 7.24 5.31
CA PHE B 252 8.00 8.25 5.94
C PHE B 252 8.89 9.28 6.60
N PRO B 253 8.64 10.58 6.35
CA PRO B 253 7.59 11.17 5.51
C PRO B 253 7.86 11.24 4.01
N GLY B 254 8.87 10.51 3.54
CA GLY B 254 9.20 10.54 2.12
C GLY B 254 8.17 10.14 1.09
N ILE B 255 7.78 8.86 1.06
CA ILE B 255 6.84 8.41 0.05
C ILE B 255 5.52 7.81 0.53
N GLN B 256 5.39 7.57 1.82
CA GLN B 256 4.15 7.02 2.35
C GLN B 256 3.63 7.91 3.47
N GLY B 257 2.41 7.62 3.89
CA GLY B 257 1.78 8.33 4.98
C GLY B 257 1.61 7.29 6.08
N GLY B 258 0.35 7.03 6.45
CA GLY B 258 0.12 6.04 7.48
C GLY B 258 0.42 4.63 7.01
N PRO B 259 1.09 3.82 7.83
CA PRO B 259 1.41 2.44 7.46
C PRO B 259 0.18 1.57 7.67
N LEU B 260 0.15 0.40 7.05
CA LEU B 260 -0.98 -0.52 7.20
C LEU B 260 -0.60 -1.44 8.36
N GLU B 261 -0.95 -1.04 9.59
CA GLU B 261 -0.54 -1.84 10.75
C GLU B 261 -1.16 -3.24 10.83
N HIS B 262 -2.34 -3.42 10.25
CA HIS B 262 -2.95 -4.75 10.22
C HIS B 262 -2.08 -5.64 9.33
N VAL B 263 -1.57 -5.08 8.22
CA VAL B 263 -0.71 -5.87 7.34
C VAL B 263 0.61 -6.13 8.06
N ILE B 264 1.11 -5.15 8.80
CA ILE B 264 2.35 -5.32 9.54
C ILE B 264 2.18 -6.44 10.58
N ALA B 265 0.99 -6.53 11.19
CA ALA B 265 0.73 -7.62 12.14
C ALA B 265 0.85 -8.94 11.35
N GLY B 266 0.31 -8.94 10.13
CA GLY B 266 0.40 -10.12 9.29
C GLY B 266 1.84 -10.45 8.96
N LYS B 267 2.68 -9.44 8.80
CA LYS B 267 4.10 -9.67 8.50
C LYS B 267 4.75 -10.34 9.71
N ALA B 268 4.41 -9.86 10.91
CA ALA B 268 4.95 -10.48 12.12
C ALA B 268 4.58 -11.95 12.15
N VAL B 269 3.32 -12.26 11.85
CA VAL B 269 2.87 -13.65 11.83
C VAL B 269 3.63 -14.46 10.79
N ALA B 270 3.80 -13.91 9.60
CA ALA B 270 4.52 -14.60 8.54
C ALA B 270 5.97 -14.87 8.93
N PHE B 271 6.61 -13.92 9.61
CA PHE B 271 7.99 -14.10 10.04
C PHE B 271 8.04 -15.22 11.09
N PHE B 272 7.04 -15.26 11.96
CA PHE B 272 6.95 -16.30 12.99
C PHE B 272 6.86 -17.65 12.30
N GLU B 273 6.02 -17.75 11.28
CA GLU B 273 5.86 -19.01 10.55
C GLU B 273 7.16 -19.41 9.85
N ALA B 274 7.86 -18.43 9.28
CA ALA B 274 9.10 -18.71 8.57
C ALA B 274 10.24 -19.12 9.50
N LEU B 275 10.10 -18.80 10.78
CA LEU B 275 11.12 -19.15 11.77
C LEU B 275 10.93 -20.57 12.30
N GLN B 276 9.84 -21.21 11.92
CA GLN B 276 9.55 -22.57 12.35
C GLN B 276 10.30 -23.58 11.48
N PRO B 277 10.71 -24.71 12.07
CA PRO B 277 11.43 -25.72 11.27
C PRO B 277 10.60 -26.22 10.09
N GLU B 278 9.28 -26.20 10.25
CA GLU B 278 8.38 -26.65 9.19
C GLU B 278 8.54 -25.81 7.93
N PHE B 279 8.93 -24.55 8.08
CA PHE B 279 9.09 -23.69 6.91
C PHE B 279 10.28 -24.12 6.07
N LYS B 280 11.31 -24.65 6.72
CA LYS B 280 12.49 -25.12 6.01
C LYS B 280 12.12 -26.34 5.17
N GLU B 281 11.30 -27.22 5.75
CA GLU B 281 10.88 -28.42 5.05
C GLU B 281 10.02 -28.02 3.85
N TYR B 282 9.14 -27.05 4.07
CA TYR B 282 8.29 -26.54 3.01
C TYR B 282 9.15 -25.99 1.87
N SER B 283 10.11 -25.14 2.22
CA SER B 283 10.98 -24.52 1.23
C SER B 283 11.81 -25.55 0.47
N ARG B 284 12.23 -26.61 1.14
CA ARG B 284 13.01 -27.66 0.48
C ARG B 284 12.14 -28.30 -0.58
N LEU B 285 10.88 -28.56 -0.24
CA LEU B 285 9.95 -29.17 -1.18
C LEU B 285 9.63 -28.23 -2.34
N VAL B 286 9.62 -26.93 -2.08
CA VAL B 286 9.36 -25.96 -3.14
C VAL B 286 10.42 -26.11 -4.22
N VAL B 287 11.68 -26.11 -3.81
CA VAL B 287 12.79 -26.23 -4.75
C VAL B 287 12.82 -27.60 -5.43
N GLU B 288 12.54 -28.66 -4.66
CA GLU B 288 12.54 -29.99 -5.24
C GLU B 288 11.42 -30.10 -6.28
N ASN B 289 10.26 -29.53 -5.98
CA ASN B 289 9.14 -29.55 -6.91
C ASN B 289 9.48 -28.80 -8.19
N ALA B 290 10.11 -27.64 -8.06
CA ALA B 290 10.46 -26.84 -9.23
C ALA B 290 11.44 -27.59 -10.12
N LYS B 291 12.48 -28.16 -9.52
CA LYS B 291 13.47 -28.90 -10.27
C LYS B 291 12.84 -30.10 -10.96
N ARG B 292 12.02 -30.85 -10.23
CA ARG B 292 11.38 -32.03 -10.81
C ARG B 292 10.39 -31.68 -11.90
N LEU B 293 9.60 -30.63 -11.72
CA LEU B 293 8.63 -30.25 -12.72
C LEU B 293 9.35 -29.78 -13.99
N ALA B 294 10.45 -29.06 -13.83
CA ALA B 294 11.22 -28.59 -14.97
C ALA B 294 11.75 -29.82 -15.73
N GLU B 295 12.25 -30.80 -15.00
CA GLU B 295 12.77 -32.02 -15.60
C GLU B 295 11.67 -32.77 -16.34
N GLU B 296 10.50 -32.89 -15.71
CA GLU B 296 9.39 -33.60 -16.33
C GLU B 296 8.95 -32.94 -17.63
N LEU B 297 8.97 -31.61 -17.67
CA LEU B 297 8.60 -30.91 -18.89
C LEU B 297 9.70 -31.09 -19.94
N ALA B 298 10.96 -31.07 -19.50
CA ALA B 298 12.08 -31.26 -20.42
C ALA B 298 11.97 -32.64 -21.07
N ARG B 299 11.55 -33.64 -20.30
CA ARG B 299 11.41 -34.99 -20.81
C ARG B 299 10.25 -35.11 -21.79
N ARG B 300 9.42 -34.06 -21.84
CA ARG B 300 8.30 -34.04 -22.76
C ARG B 300 8.63 -33.15 -23.96
N GLY B 301 9.89 -32.73 -24.04
CA GLY B 301 10.32 -31.92 -25.16
C GLY B 301 10.35 -30.42 -25.00
N TYR B 302 10.01 -29.91 -23.83
CA TYR B 302 10.02 -28.46 -23.62
C TYR B 302 11.41 -27.96 -23.26
N ARG B 303 11.78 -26.80 -23.79
CA ARG B 303 13.09 -26.24 -23.51
C ARG B 303 13.02 -25.35 -22.28
N ILE B 304 13.84 -25.68 -21.29
CA ILE B 304 13.89 -24.92 -20.05
C ILE B 304 15.07 -23.95 -20.12
N VAL B 305 14.82 -22.68 -19.86
CA VAL B 305 15.88 -21.68 -19.90
C VAL B 305 16.95 -22.02 -18.86
N THR B 306 18.21 -22.04 -19.31
CA THR B 306 19.39 -22.40 -18.51
C THR B 306 19.42 -23.91 -18.26
N GLY B 307 18.43 -24.62 -18.79
CA GLY B 307 18.37 -26.05 -18.64
C GLY B 307 17.73 -26.57 -17.36
N GLY B 308 17.44 -25.67 -16.42
CA GLY B 308 16.84 -26.07 -15.17
C GLY B 308 16.67 -24.90 -14.23
N THR B 309 16.80 -25.17 -12.93
CA THR B 309 16.65 -24.11 -11.93
C THR B 309 17.34 -24.44 -10.61
N ASP B 310 17.70 -23.39 -9.87
CA ASP B 310 18.33 -23.51 -8.56
C ASP B 310 17.31 -23.10 -7.51
N ASN B 311 16.18 -22.54 -7.96
CA ASN B 311 15.18 -22.05 -7.04
C ASN B 311 13.76 -22.57 -7.24
N HIS B 312 12.79 -21.71 -6.94
CA HIS B 312 11.36 -22.03 -7.02
C HIS B 312 10.70 -21.84 -8.38
N LEU B 313 11.43 -21.28 -9.33
CA LEU B 313 10.84 -21.00 -10.63
C LEU B 313 11.69 -21.42 -11.82
N PHE B 314 11.07 -21.45 -12.99
CA PHE B 314 11.77 -21.77 -14.21
C PHE B 314 10.99 -21.19 -15.39
N LEU B 315 11.68 -21.03 -16.50
CA LEU B 315 11.08 -20.46 -17.71
C LEU B 315 11.08 -21.50 -18.82
N VAL B 316 9.99 -21.52 -19.59
CA VAL B 316 9.86 -22.44 -20.71
C VAL B 316 9.86 -21.65 -22.01
N ASP B 317 10.79 -21.98 -22.89
CA ASP B 317 10.91 -21.34 -24.20
C ASP B 317 10.01 -22.13 -25.14
N LEU B 318 8.88 -21.54 -25.53
CA LEU B 318 7.92 -22.21 -26.39
C LEU B 318 8.10 -22.00 -27.89
N ARG B 319 9.16 -21.30 -28.29
CA ARG B 319 9.40 -21.05 -29.70
C ARG B 319 9.40 -22.35 -30.51
N PRO B 320 10.11 -23.38 -30.03
CA PRO B 320 10.17 -24.67 -30.73
C PRO B 320 8.80 -25.33 -30.89
N LYS B 321 7.90 -25.03 -29.97
CA LYS B 321 6.56 -25.60 -29.98
C LYS B 321 5.61 -24.81 -30.87
N GLY B 322 6.08 -23.69 -31.40
CA GLY B 322 5.25 -22.86 -32.26
C GLY B 322 4.12 -22.19 -31.50
N LEU B 323 4.40 -21.74 -30.29
CA LEU B 323 3.40 -21.07 -29.46
C LEU B 323 4.00 -19.84 -28.79
N THR B 324 3.20 -18.79 -28.66
CA THR B 324 3.68 -17.57 -28.01
C THR B 324 3.36 -17.70 -26.53
N GLY B 325 4.02 -16.88 -25.71
CA GLY B 325 3.77 -16.93 -24.28
C GLY B 325 2.33 -16.60 -23.96
N LYS B 326 1.79 -15.62 -24.67
CA LYS B 326 0.41 -15.19 -24.46
C LYS B 326 -0.56 -16.33 -24.77
N GLU B 327 -0.35 -17.01 -25.89
CA GLU B 327 -1.21 -18.12 -26.29
C GLU B 327 -1.16 -19.24 -25.25
N ALA B 328 0.05 -19.54 -24.77
CA ALA B 328 0.23 -20.58 -23.76
C ALA B 328 -0.50 -20.23 -22.48
N GLU B 329 -0.33 -18.99 -22.03
CA GLU B 329 -0.99 -18.52 -20.81
C GLU B 329 -2.50 -18.71 -20.92
N GLU B 330 -3.06 -18.34 -22.07
CA GLU B 330 -4.49 -18.47 -22.30
C GLU B 330 -4.97 -19.91 -22.34
N ARG B 331 -4.24 -20.77 -23.05
CA ARG B 331 -4.62 -22.17 -23.16
C ARG B 331 -4.62 -22.84 -21.80
N LEU B 332 -3.60 -22.56 -21.00
CA LEU B 332 -3.51 -23.14 -19.67
C LEU B 332 -4.60 -22.61 -18.77
N ASP B 333 -4.82 -21.30 -18.79
CA ASP B 333 -5.86 -20.67 -17.99
C ASP B 333 -7.22 -21.27 -18.31
N ALA B 334 -7.41 -21.64 -19.57
CA ALA B 334 -8.66 -22.23 -20.04
C ALA B 334 -9.01 -23.54 -19.34
N VAL B 335 -8.00 -24.23 -18.82
CA VAL B 335 -8.25 -25.50 -18.13
C VAL B 335 -7.92 -25.43 -16.64
N GLY B 336 -7.81 -24.21 -16.12
CA GLY B 336 -7.53 -24.05 -14.71
C GLY B 336 -6.09 -24.05 -14.27
N ILE B 337 -5.15 -24.00 -15.22
CA ILE B 337 -3.73 -23.96 -14.88
C ILE B 337 -3.28 -22.53 -15.11
N THR B 338 -2.93 -21.83 -14.04
CA THR B 338 -2.53 -20.44 -14.15
C THR B 338 -1.03 -20.18 -14.07
N VAL B 339 -0.56 -19.42 -15.05
CA VAL B 339 0.83 -19.02 -15.16
C VAL B 339 0.79 -17.62 -15.72
N ASN B 340 1.95 -17.11 -16.14
CA ASN B 340 1.99 -15.81 -16.79
C ASN B 340 3.04 -15.90 -17.87
N LYS B 341 2.78 -15.23 -18.99
CA LYS B 341 3.72 -15.23 -20.11
C LYS B 341 4.99 -14.56 -19.60
N ASN B 342 6.11 -14.83 -20.25
CA ASN B 342 7.37 -14.23 -19.82
C ASN B 342 8.37 -14.24 -20.97
N ALA B 343 9.12 -13.15 -21.09
CA ALA B 343 10.10 -13.04 -22.15
C ALA B 343 11.25 -14.02 -21.91
N ILE B 344 11.85 -14.49 -23.00
CA ILE B 344 12.97 -15.42 -22.91
C ILE B 344 14.22 -14.63 -23.29
N PRO B 345 15.39 -15.07 -22.83
CA PRO B 345 16.63 -14.35 -23.18
C PRO B 345 16.72 -14.13 -24.68
N PHE B 346 16.96 -12.88 -25.07
CA PHE B 346 17.06 -12.52 -26.48
C PHE B 346 15.77 -12.92 -27.21
N ASP B 347 14.64 -12.64 -26.56
CA ASP B 347 13.33 -12.95 -27.11
C ASP B 347 13.02 -12.05 -28.29
N PRO B 348 12.69 -12.64 -29.45
CA PRO B 348 12.37 -11.87 -30.67
C PRO B 348 11.00 -11.20 -30.62
N LYS B 349 10.05 -11.84 -29.95
CA LYS B 349 8.69 -11.31 -29.84
C LYS B 349 8.60 -10.19 -28.82
N PRO B 350 7.65 -9.25 -29.01
CA PRO B 350 7.46 -8.13 -28.09
C PRO B 350 6.91 -8.57 -26.74
N PRO B 351 7.18 -7.79 -25.68
CA PRO B 351 6.72 -8.06 -24.32
C PRO B 351 5.23 -8.39 -24.22
N ARG B 352 4.42 -7.76 -25.06
CA ARG B 352 2.98 -7.99 -25.05
C ARG B 352 2.64 -9.40 -25.54
N VAL B 353 3.61 -10.07 -26.14
CA VAL B 353 3.40 -11.41 -26.66
C VAL B 353 4.33 -12.43 -25.98
N THR B 354 5.63 -12.21 -26.12
CA THR B 354 6.68 -13.07 -25.56
C THR B 354 6.70 -14.46 -26.20
N SER B 355 7.78 -15.18 -25.95
CA SER B 355 7.97 -16.53 -26.49
C SER B 355 7.96 -17.61 -25.42
N GLY B 356 7.57 -17.27 -24.21
CA GLY B 356 7.56 -18.27 -23.16
C GLY B 356 6.65 -18.01 -21.99
N ILE B 357 6.72 -18.89 -21.00
CA ILE B 357 5.93 -18.78 -19.80
C ILE B 357 6.82 -19.06 -18.60
N ARG B 358 6.43 -18.51 -17.45
CA ARG B 358 7.16 -18.72 -16.21
C ARG B 358 6.29 -19.57 -15.32
N ILE B 359 6.91 -20.57 -14.69
CA ILE B 359 6.22 -21.47 -13.78
C ILE B 359 6.97 -21.48 -12.46
N GLY B 360 6.21 -21.48 -11.36
CA GLY B 360 6.78 -21.51 -10.03
C GLY B 360 5.99 -22.46 -9.16
N THR B 361 6.65 -23.11 -8.21
CA THR B 361 6.01 -24.08 -7.33
C THR B 361 5.63 -23.69 -5.89
N PRO B 362 5.90 -22.45 -5.46
CA PRO B 362 5.52 -22.12 -4.07
C PRO B 362 4.07 -22.40 -3.68
N ALA B 363 3.14 -21.98 -4.53
CA ALA B 363 1.72 -22.15 -4.25
C ALA B 363 1.26 -23.58 -4.15
N ILE B 364 1.55 -24.40 -5.16
CA ILE B 364 1.11 -25.78 -5.09
C ILE B 364 1.82 -26.55 -3.99
N THR B 365 3.04 -26.15 -3.65
CA THR B 365 3.76 -26.84 -2.58
C THR B 365 3.04 -26.56 -1.26
N THR B 366 2.53 -25.35 -1.08
CA THR B 366 1.82 -25.00 0.13
C THR B 366 0.57 -25.85 0.29
N ARG B 367 -0.02 -26.24 -0.83
CA ARG B 367 -1.22 -27.07 -0.82
C ARG B 367 -0.91 -28.56 -0.64
N GLY B 368 0.37 -28.90 -0.49
CA GLY B 368 0.72 -30.29 -0.27
C GLY B 368 1.24 -31.09 -1.47
N PHE B 369 1.46 -30.45 -2.60
CA PHE B 369 1.99 -31.17 -3.76
C PHE B 369 3.42 -31.60 -3.47
N THR B 370 3.76 -32.82 -3.87
CA THR B 370 5.09 -33.38 -3.65
C THR B 370 5.79 -33.64 -4.99
N PRO B 371 7.11 -33.84 -4.97
CA PRO B 371 7.86 -34.09 -6.20
C PRO B 371 7.30 -35.24 -7.04
N GLU B 372 6.80 -36.27 -6.35
CA GLU B 372 6.25 -37.43 -7.04
C GLU B 372 4.99 -37.12 -7.83
N GLU B 373 4.39 -35.97 -7.56
CA GLU B 373 3.19 -35.59 -8.30
C GLU B 373 3.50 -34.70 -9.49
N MET B 374 4.74 -34.23 -9.59
CA MET B 374 5.11 -33.38 -10.70
C MET B 374 4.95 -34.05 -12.07
N PRO B 375 5.12 -35.38 -12.15
CA PRO B 375 4.94 -36.01 -13.47
C PRO B 375 3.51 -35.82 -13.98
N LEU B 376 2.54 -35.81 -13.05
CA LEU B 376 1.14 -35.63 -13.41
C LEU B 376 0.87 -34.18 -13.79
N VAL B 377 1.46 -33.24 -13.06
CA VAL B 377 1.28 -31.83 -13.36
C VAL B 377 1.87 -31.54 -14.74
N ALA B 378 3.04 -32.13 -15.02
CA ALA B 378 3.69 -31.94 -16.31
C ALA B 378 2.81 -32.45 -17.45
N GLU B 379 2.16 -33.59 -17.22
CA GLU B 379 1.29 -34.17 -18.23
C GLU B 379 0.11 -33.24 -18.55
N LEU B 380 -0.50 -32.69 -17.52
CA LEU B 380 -1.63 -31.79 -17.70
C LEU B 380 -1.23 -30.53 -18.45
N ILE B 381 -0.06 -29.99 -18.12
CA ILE B 381 0.45 -28.79 -18.79
C ILE B 381 0.67 -29.09 -20.27
N ASP B 382 1.35 -30.20 -20.53
CA ASP B 382 1.66 -30.63 -21.89
C ASP B 382 0.38 -30.82 -22.72
N ARG B 383 -0.59 -31.51 -22.15
CA ARG B 383 -1.85 -31.75 -22.85
C ARG B 383 -2.60 -30.45 -23.14
N ALA B 384 -2.58 -29.52 -22.20
CA ALA B 384 -3.25 -28.24 -22.37
C ALA B 384 -2.68 -27.46 -23.54
N LEU B 385 -1.35 -27.50 -23.69
CA LEU B 385 -0.67 -26.78 -24.76
C LEU B 385 -0.77 -27.50 -26.10
N LEU B 386 -0.79 -28.83 -26.09
CA LEU B 386 -0.86 -29.62 -27.31
C LEU B 386 -2.28 -29.84 -27.84
N GLU B 387 -3.19 -30.20 -26.95
CA GLU B 387 -4.58 -30.48 -27.33
C GLU B 387 -5.53 -29.30 -27.18
N GLY B 388 -5.16 -28.34 -26.34
CA GLY B 388 -6.01 -27.19 -26.14
C GLY B 388 -7.03 -27.46 -25.04
N PRO B 389 -7.87 -26.47 -24.70
CA PRO B 389 -8.88 -26.64 -23.65
C PRO B 389 -9.97 -27.65 -23.96
N SER B 390 -10.50 -28.26 -22.91
CA SER B 390 -11.57 -29.26 -23.03
C SER B 390 -12.07 -29.61 -21.64
N GLU B 391 -13.39 -29.71 -21.49
CA GLU B 391 -13.99 -30.03 -20.20
C GLU B 391 -13.34 -31.25 -19.56
N ALA B 392 -12.97 -32.22 -20.39
CA ALA B 392 -12.33 -33.44 -19.90
C ALA B 392 -11.03 -33.09 -19.19
N LEU B 393 -10.18 -32.32 -19.85
CA LEU B 393 -8.91 -31.92 -19.26
C LEU B 393 -9.14 -31.02 -18.06
N ARG B 394 -10.12 -30.13 -18.16
CA ARG B 394 -10.45 -29.22 -17.07
C ARG B 394 -10.82 -30.00 -15.81
N GLU B 395 -11.59 -31.08 -15.98
CA GLU B 395 -12.00 -31.90 -14.85
C GLU B 395 -10.84 -32.62 -14.19
N GLU B 396 -9.87 -33.05 -14.98
CA GLU B 396 -8.71 -33.75 -14.44
C GLU B 396 -7.88 -32.79 -13.60
N VAL B 397 -7.82 -31.54 -14.03
CA VAL B 397 -7.07 -30.51 -13.31
C VAL B 397 -7.81 -30.23 -12.00
N ARG B 398 -9.12 -30.11 -12.10
CA ARG B 398 -9.98 -29.84 -10.94
C ARG B 398 -9.83 -30.94 -9.89
N ARG B 399 -9.84 -32.20 -10.34
CA ARG B 399 -9.72 -33.33 -9.43
C ARG B 399 -8.38 -33.32 -8.70
N LEU B 400 -7.30 -33.12 -9.43
CA LEU B 400 -5.98 -33.09 -8.82
C LEU B 400 -5.88 -31.94 -7.82
N ALA B 401 -6.44 -30.79 -8.19
CA ALA B 401 -6.42 -29.63 -7.31
C ALA B 401 -7.20 -29.89 -6.03
N LEU B 402 -8.43 -30.39 -6.18
CA LEU B 402 -9.27 -30.68 -5.02
C LEU B 402 -8.73 -31.76 -4.11
N ALA B 403 -7.82 -32.58 -4.64
CA ALA B 403 -7.21 -33.65 -3.85
C ALA B 403 -6.24 -33.06 -2.84
N HIS B 404 -6.01 -31.76 -2.94
CA HIS B 404 -5.10 -31.07 -2.04
C HIS B 404 -5.84 -29.99 -1.27
N PRO B 405 -5.77 -30.02 0.07
CA PRO B 405 -6.44 -29.02 0.89
C PRO B 405 -5.87 -27.62 0.65
N MET B 406 -6.46 -26.63 1.31
CA MET B 406 -6.01 -25.25 1.16
C MET B 406 -5.77 -24.64 2.53
N PRO B 407 -4.79 -23.73 2.63
CA PRO B 407 -4.52 -23.09 3.92
C PRO B 407 -5.76 -22.37 4.45
S SO4 C . -4.11 13.25 9.27
O1 SO4 C . -4.86 14.66 9.02
O2 SO4 C . -4.76 12.31 8.38
O3 SO4 C . -2.83 13.39 9.03
O4 SO4 C . -4.46 12.94 10.63
N1 PLP D . -4.01 13.70 1.66
C2 PLP D . -4.91 14.10 2.60
C2A PLP D . -5.63 15.46 2.43
C3 PLP D . -5.14 13.31 3.68
O3 PLP D . -6.04 13.73 4.65
C4 PLP D . -4.47 12.10 3.82
C4A PLP D . -4.84 11.26 5.05
C5 PLP D . -3.55 11.70 2.83
C6 PLP D . -3.34 12.52 1.76
C5A PLP D . -2.69 10.41 2.85
O4P PLP D . -3.16 9.12 3.01
P PLP D . -2.28 7.92 3.54
O1P PLP D . -1.07 7.76 2.68
O2P PLP D . -3.26 6.72 3.33
O3P PLP D . -1.98 8.10 4.98
S SO4 E . 6.16 -10.79 -10.54
O1 SO4 E . 5.75 -10.29 -9.07
O2 SO4 E . 5.08 -11.66 -10.93
O3 SO4 E . 6.32 -9.77 -11.35
O4 SO4 E . 7.33 -11.57 -10.33
N1 PLP F . 10.91 -6.50 -7.20
C2 PLP F . 10.93 -7.84 -7.40
C2A PLP F . 12.26 -8.53 -7.75
C3 PLP F . 9.78 -8.55 -7.29
O3 PLP F . 9.81 -9.93 -7.51
C4 PLP F . 8.59 -7.91 -6.98
C4A PLP F . 7.37 -8.79 -6.81
C5 PLP F . 8.59 -6.51 -6.78
C6 PLP F . 9.75 -5.84 -6.90
C5A PLP F . 7.35 -5.65 -6.49
O4P PLP F . 6.42 -5.96 -5.53
P PLP F . 4.90 -5.51 -5.60
O1P PLP F . 4.82 -4.04 -5.75
O2P PLP F . 4.41 -5.95 -4.17
O3P PLP F . 4.19 -6.28 -6.66
#